data_8IZ9
#
_entry.id   8IZ9
#
_cell.length_a   1.00
_cell.length_b   1.00
_cell.length_c   1.00
_cell.angle_alpha   90.00
_cell.angle_beta   90.00
_cell.angle_gamma   90.00
#
_symmetry.space_group_name_H-M   'P 1'
#
loop_
_entity.id
_entity.type
_entity.pdbx_description
1 polymer 'ATP-binding cassette sub-family C member 4'
2 non-polymer '7-[(1R,3R)-3-hydroxy-2-[(1E,3S)-3-hydroxyoct-1-en-1-yl]-5-oxocyclopentyl]heptanoic acid'
#
_entity_poly.entity_id   1
_entity_poly.type   'polypeptide(L)'
_entity_poly.pdbx_seq_one_letter_code
;MLPVYQEVKPNPLQDANLCSRVFFWWLNPLFKIGHKRRLEEDDMYSVLPEDRSQHLGEELQGFWDKEVLRAENDAQKPSL
TRAIIKCYWKSYLVLGIFTLIEESAKVIQPIFLGKIINYFENYDPMDSVALNTAYAYATVLTFCTLILAILHHLYFYHVQ
CAGMRLRVAMCHMIYRKALRLSNMAMGKTTTGQIVNLLSNDVNKFDQVTVFLHFLWAGPLQAIAVTALLWMEIGISCLAG
MAVLIILLPLQSCFGKLFSSLRSKTATFTDARIRTMNEVITGIRIIKMYAWEKSFSNLITNLRKKEISKILRSSCLRGMN
LASFFSASKIIVFVTFTTYVLLGSVITASRVFVAVTLYGAVRLTVTLFFPSAIERVSEAIVSIRRIQTFLLLDEISQRNR
QLPSDGKKMVHVQDFTAFWDKASETPTLQGLSFTVRPGELLAVVGPVGAGKSSLLSAVLGELAPSHGLVSVHGRIAYVSQ
QPWVFSGTLRSNILFGKKYEKERYEKVIKACALKKDLQLLEDGDLTVIGDRGTTLSGGQKARVNLARAVYQDADIYLLDD
PLSAVDAEVSRHLFELCICQILHEKITILVTHQLQYLKAASQILILKDGKMVQKGTYTEFLKSGIDFGSLLKKDNEESEQ
PPVPGTPTLRNRTFSESSVWSQQSSRPSLKDGALESQDTENVPVTLSEENRSEGKVGFQAYKNYFRAGAHWIVFIFLILL
NTAAQVAYVLQDWWLSYWANKQSMLNVTVNGGGNVTEKLDLNWYLGIYSGLTVATVLFGIARSLLVFYVLVNSSQTLHNK
MFESILKAPVLFFDRNPIGRILNRFSKDIGHLDDLLPLTFLDFIQTLLQVVGVVSVAVAVIPWIAIPLVPLGIIFIFLRR
YFLETSRDVKRLESTTRSPVFSHLSSSLQGLWTIRAYKAEERCQELFDAHQDLHSEAWFLFLTTSRWFAVRLDAICAMFV
IIVAFGSLILAKTLDAGQVGLALSYALTLMGMFQWCVRQSAEVENMMISVERVIEYTDLEKEAPWEYQKRPPPAWPHEGV
IIFDNVNFMYSPGGPLVLKHLTALIKSQEKVGIVGRTGAGKSSLISALFRLSEPEGKIWIDKILTTEIGLHDLRKKMSII
PQEPVLFTGTMRKNLDPFNEHTDEELWNALQEVQLKETIEDLPGKMDTELAESGSNFSVGQRQLVCLARAILRKNQILII
DEATANVDPRTDELIQKKIREKFAHCTVLTIAHRLNTIIDSDKIMVLDSGRLKEYDEPYVLLQNKESLFYKMVQQLGKAE
AAALTETAKQVYFKRNYPHIGHTDHMVTNTSNGQPSTLTIFETALLEGGGSGGGSDYKDHDGDYKDHDIDYKDDDDK
;
_entity_poly.pdbx_strand_id   A
#
loop_
_chem_comp.id
_chem_comp.type
_chem_comp.name
_chem_comp.formula
XPG non-polymer '7-[(1R,3R)-3-hydroxy-2-[(1E,3S)-3-hydroxyoct-1-en-1-yl]-5-oxocyclopentyl]heptanoic acid' 'C20 H34 O5'
#
# COMPACT_ATOMS: atom_id res chain seq x y z
N GLU A 7 15.59 -15.50 29.78
CA GLU A 7 14.58 -14.55 30.21
C GLU A 7 15.06 -13.12 30.00
N VAL A 8 15.32 -12.75 28.74
CA VAL A 8 15.76 -11.40 28.41
C VAL A 8 14.54 -10.50 28.24
N LYS A 9 14.72 -9.21 28.44
CA LYS A 9 13.66 -8.22 28.32
C LYS A 9 12.48 -8.55 29.25
N PRO A 10 12.65 -8.38 30.55
CA PRO A 10 11.57 -8.72 31.49
C PRO A 10 10.33 -7.89 31.24
N ASN A 11 9.17 -8.43 31.64
CA ASN A 11 7.91 -7.78 31.37
C ASN A 11 7.37 -7.08 32.61
N PRO A 12 7.02 -5.80 32.50
CA PRO A 12 6.38 -5.10 33.62
C PRO A 12 4.94 -5.54 33.84
N LEU A 13 4.23 -4.83 34.72
CA LEU A 13 2.84 -5.09 35.07
C LEU A 13 2.56 -6.56 35.36
N GLN A 14 3.58 -7.29 35.83
CA GLN A 14 3.37 -8.66 36.25
C GLN A 14 3.32 -8.78 37.76
N ASP A 15 3.98 -7.87 38.48
CA ASP A 15 3.96 -7.84 39.94
C ASP A 15 3.30 -6.56 40.46
N ALA A 16 2.52 -5.89 39.62
CA ALA A 16 1.88 -4.64 40.00
C ALA A 16 0.57 -4.93 40.72
N ASN A 17 0.20 -4.02 41.62
CA ASN A 17 -1.02 -4.17 42.41
C ASN A 17 -2.22 -3.72 41.57
N LEU A 18 -3.39 -3.62 42.22
CA LEU A 18 -4.59 -3.20 41.51
C LEU A 18 -4.56 -1.72 41.16
N CYS A 19 -3.99 -0.89 42.05
CA CYS A 19 -3.99 0.55 41.83
C CYS A 19 -3.14 0.92 40.61
N SER A 20 -1.98 0.28 40.45
CA SER A 20 -1.12 0.57 39.32
C SER A 20 -1.67 0.00 38.02
N ARG A 21 -2.41 -1.11 38.10
CA ARG A 21 -2.96 -1.72 36.90
C ARG A 21 -4.22 -1.01 36.42
N VAL A 22 -4.99 -0.41 37.34
CA VAL A 22 -6.22 0.27 36.95
C VAL A 22 -5.95 1.69 36.49
N PHE A 23 -4.81 2.27 36.83
CA PHE A 23 -4.46 3.63 36.44
C PHE A 23 -3.32 3.69 35.42
N PHE A 24 -2.79 2.54 35.01
CA PHE A 24 -1.69 2.48 34.04
C PHE A 24 -0.48 3.27 34.51
N TRP A 25 -0.09 3.07 35.76
CA TRP A 25 1.04 3.75 36.35
C TRP A 25 2.36 3.01 36.14
N TRP A 26 2.38 2.00 35.27
CA TRP A 26 3.59 1.23 35.01
C TRP A 26 4.29 1.64 33.72
N LEU A 27 3.75 2.61 32.99
CA LEU A 27 4.34 3.06 31.74
C LEU A 27 5.29 4.24 31.93
N ASN A 28 5.80 4.44 33.15
CA ASN A 28 6.70 5.57 33.38
C ASN A 28 8.09 5.33 32.83
N PRO A 29 8.77 4.20 33.08
CA PRO A 29 10.13 4.04 32.53
C PRO A 29 10.16 3.98 31.01
N LEU A 30 9.19 3.30 30.39
CA LEU A 30 9.17 3.23 28.92
C LEU A 30 9.02 4.61 28.30
N PHE A 31 8.11 5.42 28.83
CA PHE A 31 7.92 6.76 28.29
C PHE A 31 9.13 7.65 28.59
N LYS A 32 9.75 7.48 29.76
CA LYS A 32 10.94 8.26 30.09
C LYS A 32 12.10 7.91 29.18
N ILE A 33 12.20 6.65 28.75
CA ILE A 33 13.25 6.26 27.81
C ILE A 33 12.92 6.76 26.41
N GLY A 34 11.65 6.67 26.00
CA GLY A 34 11.27 7.10 24.67
C GLY A 34 11.26 8.60 24.47
N HIS A 35 11.17 9.37 25.55
CA HIS A 35 11.19 10.83 25.42
C HIS A 35 12.61 11.36 25.27
N LYS A 36 13.59 10.71 25.91
CA LYS A 36 14.95 11.21 25.87
C LYS A 36 15.71 10.72 24.65
N ARG A 37 15.39 9.53 24.13
CA ARG A 37 16.08 8.96 22.98
C ARG A 37 15.06 8.23 22.12
N ARG A 38 15.55 7.53 21.10
CA ARG A 38 14.69 6.80 20.17
C ARG A 38 14.52 5.37 20.65
N LEU A 39 13.28 4.89 20.61
CA LEU A 39 12.97 3.53 21.05
C LEU A 39 13.28 2.53 19.93
N GLU A 40 14.08 1.52 20.24
CA GLU A 40 14.44 0.48 19.30
C GLU A 40 13.63 -0.77 19.61
N GLU A 41 13.93 -1.87 18.90
CA GLU A 41 13.22 -3.13 19.12
C GLU A 41 13.66 -3.82 20.41
N ASP A 42 14.83 -3.47 20.93
CA ASP A 42 15.34 -4.08 22.15
C ASP A 42 14.83 -3.41 23.42
N ASP A 43 14.21 -2.24 23.31
CA ASP A 43 13.66 -1.53 24.46
C ASP A 43 12.21 -1.88 24.72
N MET A 44 11.62 -2.79 23.95
CA MET A 44 10.23 -3.15 24.11
C MET A 44 10.05 -4.12 25.29
N TYR A 45 8.80 -4.30 25.69
CA TYR A 45 8.44 -5.16 26.80
C TYR A 45 7.77 -6.43 26.28
N SER A 46 8.22 -7.58 26.76
CA SER A 46 7.71 -8.86 26.29
C SER A 46 6.24 -9.01 26.64
N VAL A 47 5.59 -9.99 25.99
CA VAL A 47 4.17 -10.25 26.18
C VAL A 47 3.96 -11.06 27.46
N LEU A 48 2.71 -11.14 27.90
CA LEU A 48 2.38 -11.92 29.08
C LEU A 48 2.57 -13.42 28.79
N PRO A 49 2.76 -14.23 29.85
CA PRO A 49 2.89 -15.68 29.62
C PRO A 49 1.68 -16.30 28.93
N GLU A 50 0.48 -15.81 29.25
CA GLU A 50 -0.73 -16.30 28.59
C GLU A 50 -0.93 -15.68 27.20
N ASP A 51 -0.06 -14.76 26.79
CA ASP A 51 -0.15 -14.13 25.47
C ASP A 51 0.75 -14.81 24.44
N ARG A 52 1.28 -15.99 24.77
CA ARG A 52 2.13 -16.70 23.81
C ARG A 52 1.29 -17.29 22.69
N SER A 53 1.86 -17.30 21.48
CA SER A 53 1.14 -17.78 20.32
C SER A 53 1.00 -19.30 20.32
N GLN A 54 1.99 -20.01 20.88
CA GLN A 54 1.99 -21.47 20.82
C GLN A 54 0.79 -22.06 21.54
N HIS A 55 0.59 -21.69 22.80
CA HIS A 55 -0.48 -22.26 23.60
C HIS A 55 -1.85 -21.88 23.06
N LEU A 56 -2.03 -20.62 22.68
CA LEU A 56 -3.31 -20.18 22.14
C LEU A 56 -3.63 -20.90 20.84
N GLY A 57 -2.65 -20.99 19.93
CA GLY A 57 -2.88 -21.70 18.69
C GLY A 57 -3.19 -23.17 18.91
N GLU A 58 -2.47 -23.81 19.84
CA GLU A 58 -2.70 -25.22 20.10
C GLU A 58 -4.10 -25.45 20.67
N GLU A 59 -4.52 -24.64 21.63
CA GLU A 59 -5.82 -24.84 22.24
C GLU A 59 -6.94 -24.53 21.25
N LEU A 60 -6.76 -23.51 20.40
CA LEU A 60 -7.80 -23.18 19.44
C LEU A 60 -7.89 -24.24 18.34
N GLN A 61 -6.75 -24.78 17.91
CA GLN A 61 -6.75 -25.89 16.97
C GLN A 61 -7.42 -27.12 17.58
N GLY A 62 -7.16 -27.38 18.86
CA GLY A 62 -7.82 -28.49 19.52
C GLY A 62 -9.32 -28.33 19.56
N PHE A 63 -9.79 -27.14 19.94
CA PHE A 63 -11.23 -26.86 19.93
C PHE A 63 -11.81 -27.01 18.53
N TRP A 64 -11.07 -26.55 17.52
CA TRP A 64 -11.55 -26.63 16.14
C TRP A 64 -11.70 -28.09 15.69
N ASP A 65 -10.68 -28.91 15.94
CA ASP A 65 -10.77 -30.31 15.51
C ASP A 65 -11.83 -31.06 16.32
N LYS A 66 -12.00 -30.72 17.60
CA LYS A 66 -13.05 -31.34 18.40
C LYS A 66 -14.43 -31.00 17.84
N GLU A 67 -14.64 -29.72 17.50
CA GLU A 67 -15.93 -29.32 16.92
C GLU A 67 -16.15 -29.97 15.56
N VAL A 68 -15.09 -30.09 14.75
CA VAL A 68 -15.21 -30.73 13.45
C VAL A 68 -15.60 -32.19 13.60
N LEU A 69 -14.96 -32.89 14.55
CA LEU A 69 -15.30 -34.29 14.78
C LEU A 69 -16.72 -34.44 15.29
N ARG A 70 -17.13 -33.57 16.22
CA ARG A 70 -18.48 -33.64 16.76
C ARG A 70 -19.53 -33.35 15.69
N ALA A 71 -19.22 -32.48 14.73
CA ALA A 71 -20.17 -32.17 13.67
C ALA A 71 -20.20 -33.26 12.61
N GLU A 72 -19.05 -33.85 12.30
CA GLU A 72 -19.00 -34.89 11.28
C GLU A 72 -19.59 -36.21 11.78
N ASN A 73 -19.46 -36.48 13.08
CA ASN A 73 -20.00 -37.73 13.63
C ASN A 73 -21.52 -37.75 13.63
N ASP A 74 -22.17 -36.58 13.59
CA ASP A 74 -23.62 -36.49 13.57
C ASP A 74 -24.17 -36.02 12.22
N ALA A 75 -23.33 -36.00 11.18
CA ALA A 75 -23.73 -35.66 9.82
C ALA A 75 -24.26 -34.23 9.71
N GLN A 76 -23.46 -33.28 10.17
CA GLN A 76 -23.75 -31.86 9.96
C GLN A 76 -22.46 -31.14 9.60
N LYS A 77 -22.61 -29.95 9.04
CA LYS A 77 -21.45 -29.17 8.62
C LYS A 77 -20.82 -28.49 9.83
N PRO A 78 -19.50 -28.49 9.95
CA PRO A 78 -18.85 -27.85 11.10
C PRO A 78 -18.77 -26.34 10.94
N SER A 79 -18.70 -25.66 12.08
CA SER A 79 -18.60 -24.21 12.13
C SER A 79 -17.48 -23.79 13.07
N LEU A 80 -16.95 -22.59 12.83
CA LEU A 80 -15.85 -22.08 13.63
C LEU A 80 -16.31 -21.02 14.63
N THR A 81 -17.41 -20.34 14.34
CA THR A 81 -17.95 -19.36 15.29
C THR A 81 -18.39 -20.04 16.58
N ARG A 82 -18.96 -21.24 16.48
CA ARG A 82 -19.34 -21.98 17.68
C ARG A 82 -18.11 -22.33 18.51
N ALA A 83 -17.01 -22.69 17.86
CA ALA A 83 -15.78 -22.98 18.59
C ALA A 83 -15.24 -21.72 19.26
N ILE A 84 -15.26 -20.58 18.56
CA ILE A 84 -14.80 -19.33 19.16
C ILE A 84 -15.65 -18.98 20.38
N ILE A 85 -16.97 -19.19 20.27
CA ILE A 85 -17.86 -18.90 21.40
C ILE A 85 -17.55 -19.81 22.56
N LYS A 86 -17.48 -21.13 22.32
CA LYS A 86 -17.20 -22.07 23.39
C LYS A 86 -15.83 -21.87 24.01
N CYS A 87 -14.90 -21.23 23.29
CA CYS A 87 -13.57 -21.00 23.82
C CYS A 87 -13.44 -19.67 24.55
N TYR A 88 -14.19 -18.63 24.16
CA TYR A 88 -14.01 -17.30 24.72
C TYR A 88 -15.25 -16.80 25.46
N TRP A 89 -16.22 -17.67 25.75
CA TRP A 89 -17.35 -17.25 26.56
C TRP A 89 -16.93 -16.90 27.98
N LYS A 90 -15.93 -17.61 28.53
CA LYS A 90 -15.45 -17.30 29.87
C LYS A 90 -14.83 -15.92 29.95
N SER A 91 -14.20 -15.46 28.87
CA SER A 91 -13.64 -14.13 28.82
C SER A 91 -14.66 -13.07 28.44
N TYR A 92 -15.70 -13.42 27.69
CA TYR A 92 -16.72 -12.47 27.28
C TYR A 92 -17.75 -12.19 28.36
N LEU A 93 -18.18 -13.22 29.10
CA LEU A 93 -19.19 -13.03 30.13
C LEU A 93 -18.68 -12.17 31.28
N VAL A 94 -17.38 -12.24 31.58
CA VAL A 94 -16.82 -11.40 32.62
C VAL A 94 -16.85 -9.94 32.22
N LEU A 95 -16.46 -9.65 30.98
CA LEU A 95 -16.50 -8.27 30.50
C LEU A 95 -17.94 -7.77 30.31
N GLY A 96 -18.88 -8.69 30.09
CA GLY A 96 -20.27 -8.30 29.97
C GLY A 96 -20.82 -7.67 31.24
N ILE A 97 -20.39 -8.17 32.40
CA ILE A 97 -20.86 -7.61 33.67
C ILE A 97 -20.35 -6.17 33.81
N PHE A 98 -19.08 -5.94 33.48
CA PHE A 98 -18.54 -4.58 33.54
C PHE A 98 -19.23 -3.67 32.53
N THR A 99 -19.56 -4.21 31.35
CA THR A 99 -20.27 -3.42 30.36
C THR A 99 -21.65 -3.02 30.86
N LEU A 100 -22.37 -3.96 31.50
CA LEU A 100 -23.67 -3.66 32.04
C LEU A 100 -23.58 -2.64 33.17
N ILE A 101 -22.57 -2.76 34.02
CA ILE A 101 -22.39 -1.79 35.11
C ILE A 101 -22.10 -0.40 34.55
N GLU A 102 -21.25 -0.34 33.52
CA GLU A 102 -20.95 0.94 32.87
C GLU A 102 -22.19 1.55 32.24
N GLU A 103 -23.01 0.74 31.56
CA GLU A 103 -24.23 1.25 30.95
C GLU A 103 -25.20 1.76 32.01
N SER A 104 -25.32 1.02 33.12
CA SER A 104 -26.21 1.45 34.20
C SER A 104 -25.72 2.76 34.81
N ALA A 105 -24.41 2.91 34.97
CA ALA A 105 -23.88 4.16 35.52
C ALA A 105 -24.12 5.32 34.57
N LYS A 106 -23.89 5.10 33.27
CA LYS A 106 -24.12 6.16 32.30
C LYS A 106 -25.60 6.52 32.18
N VAL A 107 -26.49 5.57 32.44
CA VAL A 107 -27.91 5.86 32.42
C VAL A 107 -28.35 6.59 33.69
N ILE A 108 -27.76 6.24 34.84
CA ILE A 108 -28.16 6.87 36.10
C ILE A 108 -27.49 8.22 36.33
N GLN A 109 -26.43 8.53 35.57
CA GLN A 109 -25.78 9.84 35.71
C GLN A 109 -26.71 11.01 35.43
N PRO A 110 -27.50 11.03 34.35
CA PRO A 110 -28.45 12.16 34.18
C PRO A 110 -29.48 12.26 35.27
N ILE A 111 -29.82 11.15 35.94
CA ILE A 111 -30.74 11.21 37.06
C ILE A 111 -30.16 12.06 38.19
N PHE A 112 -28.91 11.79 38.55
CA PHE A 112 -28.24 12.59 39.57
C PHE A 112 -28.02 14.02 39.09
N LEU A 113 -27.77 14.20 37.79
CA LEU A 113 -27.65 15.54 37.24
C LEU A 113 -28.92 16.34 37.45
N GLY A 114 -30.06 15.75 37.13
CA GLY A 114 -31.33 16.43 37.34
C GLY A 114 -31.65 16.64 38.81
N LYS A 115 -31.26 15.69 39.66
CA LYS A 115 -31.45 15.86 41.10
C LYS A 115 -30.63 17.03 41.62
N ILE A 116 -29.44 17.24 41.05
CA ILE A 116 -28.62 18.38 41.44
C ILE A 116 -29.24 19.68 40.94
N ILE A 117 -29.72 19.68 39.68
CA ILE A 117 -30.30 20.89 39.12
C ILE A 117 -31.56 21.30 39.85
N ASN A 118 -32.37 20.32 40.28
CA ASN A 118 -33.62 20.64 40.98
C ASN A 118 -33.38 21.28 42.33
N TYR A 119 -32.18 21.13 42.91
CA TYR A 119 -31.90 21.76 44.19
C TYR A 119 -31.87 23.28 44.08
N PHE A 120 -31.45 23.82 42.94
CA PHE A 120 -31.37 25.26 42.77
C PHE A 120 -32.72 25.90 42.51
N GLU A 121 -33.73 25.11 42.13
CA GLU A 121 -35.06 25.67 41.89
C GLU A 121 -35.71 26.11 43.20
N ASN A 122 -35.73 25.22 44.19
CA ASN A 122 -36.27 25.51 45.51
C ASN A 122 -35.16 25.74 46.53
N TYR A 123 -34.08 26.39 46.10
CA TYR A 123 -32.94 26.62 46.97
C TYR A 123 -33.31 27.55 48.13
N ASP A 124 -32.83 27.21 49.32
CA ASP A 124 -33.09 27.99 50.52
C ASP A 124 -31.76 28.18 51.25
N PRO A 125 -31.27 29.42 51.40
CA PRO A 125 -29.99 29.62 52.09
C PRO A 125 -30.03 29.28 53.57
N MET A 126 -31.20 29.21 54.18
CA MET A 126 -31.34 28.90 55.60
C MET A 126 -31.74 27.45 55.83
N ASP A 127 -31.62 26.59 54.81
CA ASP A 127 -31.96 25.17 54.92
C ASP A 127 -30.68 24.36 54.77
N SER A 128 -30.37 23.56 55.79
CA SER A 128 -29.18 22.72 55.77
C SER A 128 -29.42 21.37 55.12
N VAL A 129 -30.65 20.86 55.19
CA VAL A 129 -30.95 19.55 54.61
C VAL A 129 -30.78 19.59 53.09
N ALA A 130 -31.28 20.66 52.46
CA ALA A 130 -31.15 20.78 51.00
C ALA A 130 -29.68 20.90 50.60
N LEU A 131 -28.90 21.68 51.35
CA LEU A 131 -27.48 21.83 51.04
C LEU A 131 -26.75 20.50 51.19
N ASN A 132 -27.05 19.74 52.25
CA ASN A 132 -26.41 18.45 52.45
C ASN A 132 -26.80 17.48 51.35
N THR A 133 -28.07 17.48 50.95
CA THR A 133 -28.51 16.60 49.86
C THR A 133 -27.82 16.97 48.55
N ALA A 134 -27.68 18.27 48.27
CA ALA A 134 -27.01 18.71 47.06
C ALA A 134 -25.53 18.31 47.08
N TYR A 135 -24.88 18.46 48.24
CA TYR A 135 -23.47 18.07 48.34
C TYR A 135 -23.30 16.57 48.15
N ALA A 136 -24.19 15.77 48.74
CA ALA A 136 -24.11 14.32 48.57
C ALA A 136 -24.35 13.92 47.12
N TYR A 137 -25.32 14.56 46.46
CA TYR A 137 -25.59 14.26 45.06
C TYR A 137 -24.41 14.65 44.18
N ALA A 138 -23.77 15.78 44.48
CA ALA A 138 -22.59 16.19 43.72
C ALA A 138 -21.44 15.21 43.92
N THR A 139 -21.23 14.75 45.15
CA THR A 139 -20.19 13.77 45.42
C THR A 139 -20.46 12.47 44.67
N VAL A 140 -21.72 12.02 44.68
CA VAL A 140 -22.07 10.79 43.96
C VAL A 140 -21.86 10.97 42.46
N LEU A 141 -22.19 12.15 41.93
CA LEU A 141 -21.99 12.41 40.51
C LEU A 141 -20.50 12.38 40.16
N THR A 142 -19.67 13.01 40.99
CA THR A 142 -18.23 12.98 40.74
C THR A 142 -17.69 11.56 40.79
N PHE A 143 -18.13 10.78 41.78
CA PHE A 143 -17.65 9.41 41.91
C PHE A 143 -18.07 8.55 40.71
N CYS A 144 -19.32 8.71 40.25
CA CYS A 144 -19.78 7.89 39.13
C CYS A 144 -19.09 8.33 37.84
N THR A 145 -18.85 9.62 37.67
CA THR A 145 -18.09 10.09 36.51
C THR A 145 -16.68 9.51 36.51
N LEU A 146 -16.03 9.50 37.68
CA LEU A 146 -14.68 8.96 37.77
C LEU A 146 -14.65 7.47 37.45
N ILE A 147 -15.56 6.70 38.07
CA ILE A 147 -15.55 5.26 37.83
C ILE A 147 -15.94 4.94 36.39
N LEU A 148 -16.78 5.79 35.78
CA LEU A 148 -17.10 5.63 34.37
C LEU A 148 -15.86 5.83 33.50
N ALA A 149 -15.17 6.97 33.71
CA ALA A 149 -13.99 7.27 32.90
C ALA A 149 -12.90 6.22 33.09
N ILE A 150 -12.85 5.58 34.26
CA ILE A 150 -11.84 4.54 34.50
C ILE A 150 -12.26 3.23 33.83
N LEU A 151 -13.48 2.76 34.14
CA LEU A 151 -13.91 1.44 33.67
C LEU A 151 -14.08 1.40 32.17
N HIS A 152 -14.42 2.53 31.54
CA HIS A 152 -14.53 2.54 30.08
C HIS A 152 -13.20 2.15 29.44
N HIS A 153 -12.11 2.82 29.83
CA HIS A 153 -10.82 2.52 29.24
C HIS A 153 -10.29 1.17 29.70
N LEU A 154 -10.61 0.76 30.93
CA LEU A 154 -10.20 -0.57 31.38
C LEU A 154 -10.83 -1.67 30.52
N TYR A 155 -12.14 -1.59 30.32
CA TYR A 155 -12.84 -2.55 29.48
C TYR A 155 -12.37 -2.47 28.04
N PHE A 156 -12.07 -1.26 27.54
CA PHE A 156 -11.57 -1.13 26.18
C PHE A 156 -10.22 -1.83 26.02
N TYR A 157 -9.32 -1.64 26.97
CA TYR A 157 -8.01 -2.30 26.91
C TYR A 157 -8.16 -3.82 27.03
N HIS A 158 -9.06 -4.28 27.89
CA HIS A 158 -9.28 -5.72 28.02
C HIS A 158 -9.81 -6.31 26.71
N VAL A 159 -10.77 -5.63 26.09
CA VAL A 159 -11.32 -6.12 24.83
C VAL A 159 -10.25 -6.10 23.74
N GLN A 160 -9.41 -5.07 23.71
CA GLN A 160 -8.36 -4.99 22.71
C GLN A 160 -7.36 -6.13 22.89
N CYS A 161 -6.99 -6.43 24.13
CA CYS A 161 -6.07 -7.53 24.38
C CYS A 161 -6.69 -8.87 23.99
N ALA A 162 -7.97 -9.06 24.30
CA ALA A 162 -8.65 -10.30 23.92
C ALA A 162 -8.71 -10.44 22.41
N GLY A 163 -9.00 -9.35 21.70
CA GLY A 163 -9.04 -9.41 20.25
C GLY A 163 -7.67 -9.68 19.65
N MET A 164 -6.62 -9.10 20.24
CA MET A 164 -5.27 -9.37 19.77
C MET A 164 -4.90 -10.83 19.96
N ARG A 165 -5.24 -11.40 21.11
CA ARG A 165 -4.97 -12.82 21.35
C ARG A 165 -5.74 -13.69 20.37
N LEU A 166 -7.01 -13.34 20.11
CA LEU A 166 -7.81 -14.10 19.16
C LEU A 166 -7.22 -14.04 17.76
N ARG A 167 -6.78 -12.85 17.34
CA ARG A 167 -6.15 -12.71 16.03
C ARG A 167 -4.87 -13.53 15.94
N VAL A 168 -4.06 -13.52 17.00
CA VAL A 168 -2.82 -14.29 17.00
C VAL A 168 -3.12 -15.77 16.87
N ALA A 169 -4.09 -16.26 17.65
CA ALA A 169 -4.43 -17.68 17.59
C ALA A 169 -4.98 -18.06 16.21
N MET A 170 -5.82 -17.20 15.62
CA MET A 170 -6.40 -17.50 14.31
C MET A 170 -5.34 -17.53 13.23
N CYS A 171 -4.41 -16.56 13.24
CA CYS A 171 -3.35 -16.56 12.23
C CYS A 171 -2.41 -17.76 12.44
N HIS A 172 -2.18 -18.16 13.70
CA HIS A 172 -1.38 -19.34 13.95
C HIS A 172 -2.03 -20.59 13.37
N MET A 173 -3.35 -20.73 13.58
CA MET A 173 -4.06 -21.87 13.01
C MET A 173 -4.03 -21.84 11.48
N ILE A 174 -4.21 -20.66 10.88
CA ILE A 174 -4.19 -20.56 9.42
C ILE A 174 -2.82 -20.96 8.89
N TYR A 175 -1.75 -20.51 9.55
CA TYR A 175 -0.41 -20.88 9.12
C TYR A 175 -0.15 -22.37 9.28
N ARG A 176 -0.61 -22.94 10.40
CA ARG A 176 -0.41 -24.37 10.64
C ARG A 176 -1.17 -25.21 9.62
N LYS A 177 -2.35 -24.75 9.21
CA LYS A 177 -3.12 -25.50 8.21
C LYS A 177 -2.52 -25.32 6.82
N ALA A 178 -2.01 -24.14 6.50
CA ALA A 178 -1.39 -23.92 5.20
C ALA A 178 -0.07 -24.67 5.08
N LEU A 179 0.62 -24.90 6.20
CA LEU A 179 1.87 -25.65 6.17
C LEU A 179 1.66 -27.14 5.90
N ARG A 180 0.42 -27.62 5.85
CA ARG A 180 0.13 -29.02 5.58
C ARG A 180 -0.76 -29.20 4.36
N LEU A 181 -0.67 -28.31 3.38
CA LEU A 181 -1.51 -28.40 2.20
C LEU A 181 -1.00 -29.48 1.25
N SER A 182 -1.92 -30.07 0.49
CA SER A 182 -1.59 -31.11 -0.47
C SER A 182 -1.30 -30.48 -1.82
N ASN A 183 -1.19 -31.32 -2.86
CA ASN A 183 -0.92 -30.82 -4.20
C ASN A 183 -2.10 -30.05 -4.75
N MET A 184 -3.31 -30.59 -4.60
CA MET A 184 -4.50 -29.89 -5.08
C MET A 184 -4.71 -28.59 -4.34
N ALA A 185 -4.48 -28.60 -3.02
CA ALA A 185 -4.62 -27.36 -2.24
C ALA A 185 -3.58 -26.33 -2.64
N MET A 186 -2.36 -26.77 -2.91
CA MET A 186 -1.31 -25.84 -3.34
C MET A 186 -1.62 -25.28 -4.72
N GLY A 187 -2.24 -26.09 -5.59
CA GLY A 187 -2.56 -25.61 -6.92
C GLY A 187 -3.82 -24.79 -6.99
N LYS A 188 -4.68 -24.89 -5.98
CA LYS A 188 -5.95 -24.18 -5.95
C LYS A 188 -5.89 -22.87 -5.19
N THR A 189 -4.81 -22.61 -4.45
CA THR A 189 -4.66 -21.39 -3.69
C THR A 189 -3.39 -20.66 -4.12
N THR A 190 -3.45 -19.33 -4.13
CA THR A 190 -2.33 -18.48 -4.50
C THR A 190 -1.81 -17.78 -3.25
N THR A 191 -0.53 -17.36 -3.31
CA THR A 191 0.07 -16.66 -2.18
C THR A 191 -0.68 -15.39 -1.82
N GLY A 192 -1.16 -14.65 -2.82
CA GLY A 192 -1.89 -13.42 -2.55
C GLY A 192 -3.19 -13.68 -1.79
N GLN A 193 -3.79 -14.84 -2.00
CA GLN A 193 -4.99 -15.20 -1.26
C GLN A 193 -4.71 -15.26 0.25
N ILE A 194 -3.71 -16.06 0.64
CA ILE A 194 -3.35 -16.14 2.05
C ILE A 194 -2.86 -14.79 2.56
N VAL A 195 -2.25 -14.00 1.69
CA VAL A 195 -1.78 -12.67 2.09
C VAL A 195 -2.96 -11.80 2.51
N ASN A 196 -3.98 -11.68 1.64
CA ASN A 196 -5.11 -10.81 2.00
C ASN A 196 -5.93 -11.42 3.13
N LEU A 197 -5.94 -12.76 3.23
CA LEU A 197 -6.57 -13.40 4.38
C LEU A 197 -5.94 -12.93 5.68
N LEU A 198 -4.63 -13.16 5.85
CA LEU A 198 -3.95 -12.73 7.06
C LEU A 198 -3.83 -11.22 7.18
N SER A 199 -4.20 -10.47 6.14
CA SER A 199 -4.23 -9.02 6.23
C SER A 199 -5.57 -8.44 6.64
N ASN A 200 -6.68 -9.14 6.36
CA ASN A 200 -8.01 -8.61 6.64
C ASN A 200 -8.77 -9.42 7.69
N ASP A 201 -8.79 -10.75 7.59
CA ASP A 201 -9.65 -11.54 8.46
C ASP A 201 -9.20 -11.45 9.92
N VAL A 202 -7.90 -11.58 10.17
CA VAL A 202 -7.42 -11.51 11.53
C VAL A 202 -7.43 -10.07 12.05
N ASN A 203 -7.39 -9.09 11.14
CA ASN A 203 -7.44 -7.69 11.55
C ASN A 203 -8.85 -7.26 11.95
N LYS A 204 -9.89 -7.81 11.31
CA LYS A 204 -11.25 -7.48 11.70
C LYS A 204 -11.62 -7.99 13.08
N PHE A 205 -10.86 -8.96 13.61
CA PHE A 205 -11.17 -9.50 14.94
C PHE A 205 -10.82 -8.50 16.03
N ASP A 206 -9.78 -7.69 15.81
CA ASP A 206 -9.42 -6.66 16.78
C ASP A 206 -10.46 -5.55 16.86
N GLN A 207 -11.37 -5.47 15.89
CA GLN A 207 -12.37 -4.41 15.86
C GLN A 207 -13.79 -4.89 16.11
N VAL A 208 -14.10 -6.15 15.82
CA VAL A 208 -15.47 -6.63 16.04
C VAL A 208 -15.74 -6.78 17.53
N THR A 209 -14.73 -7.18 18.29
CA THR A 209 -14.92 -7.41 19.73
C THR A 209 -15.21 -6.11 20.48
N VAL A 210 -14.88 -4.96 19.90
CA VAL A 210 -15.14 -3.68 20.56
C VAL A 210 -16.64 -3.47 20.72
N PHE A 211 -17.42 -3.89 19.74
CA PHE A 211 -18.87 -3.70 19.77
C PHE A 211 -19.65 -5.01 19.86
N LEU A 212 -18.97 -6.15 19.98
CA LEU A 212 -19.67 -7.40 20.21
C LEU A 212 -20.60 -7.33 21.43
N HIS A 213 -20.18 -6.59 22.46
CA HIS A 213 -21.03 -6.41 23.63
C HIS A 213 -21.97 -5.22 23.46
N PHE A 214 -21.55 -4.19 22.72
CA PHE A 214 -22.43 -3.07 22.42
C PHE A 214 -23.68 -3.54 21.68
N LEU A 215 -23.55 -4.62 20.91
CA LEU A 215 -24.70 -5.22 20.23
C LEU A 215 -25.91 -5.35 21.14
N TRP A 216 -25.72 -5.93 22.33
CA TRP A 216 -26.80 -6.07 23.29
C TRP A 216 -26.86 -4.94 24.30
N ALA A 217 -25.77 -4.18 24.48
CA ALA A 217 -25.82 -3.02 25.37
C ALA A 217 -26.65 -1.88 24.81
N GLY A 218 -26.81 -1.82 23.49
CA GLY A 218 -27.57 -0.76 22.85
C GLY A 218 -29.05 -0.76 23.19
N PRO A 219 -29.76 -1.83 22.81
CA PRO A 219 -31.22 -1.85 23.05
C PRO A 219 -31.62 -1.74 24.51
N LEU A 220 -30.87 -2.35 25.42
CA LEU A 220 -31.21 -2.27 26.84
C LEU A 220 -31.09 -0.84 27.34
N GLN A 221 -29.97 -0.17 27.04
CA GLN A 221 -29.81 1.22 27.43
C GLN A 221 -30.87 2.11 26.80
N ALA A 222 -31.20 1.84 25.53
CA ALA A 222 -32.22 2.64 24.85
C ALA A 222 -33.58 2.49 25.53
N ILE A 223 -33.95 1.26 25.87
CA ILE A 223 -35.24 1.04 26.53
C ILE A 223 -35.25 1.68 27.91
N ALA A 224 -34.13 1.58 28.64
CA ALA A 224 -34.06 2.19 29.97
C ALA A 224 -34.21 3.71 29.89
N VAL A 225 -33.50 4.33 28.95
CA VAL A 225 -33.58 5.78 28.82
C VAL A 225 -34.96 6.20 28.33
N THR A 226 -35.59 5.39 27.48
CA THR A 226 -36.93 5.70 27.02
C THR A 226 -37.92 5.66 28.17
N ALA A 227 -37.83 4.62 29.02
CA ALA A 227 -38.71 4.54 30.18
C ALA A 227 -38.47 5.69 31.15
N LEU A 228 -37.20 6.07 31.33
CA LEU A 228 -36.88 7.19 32.21
C LEU A 228 -37.48 8.48 31.69
N LEU A 229 -37.28 8.77 30.40
CA LEU A 229 -37.86 9.97 29.80
C LEU A 229 -39.38 9.96 29.89
N TRP A 230 -39.99 8.78 29.70
CA TRP A 230 -41.44 8.67 29.84
C TRP A 230 -41.86 9.06 31.25
N MET A 231 -41.40 8.31 32.26
CA MET A 231 -41.76 8.59 33.64
C MET A 231 -41.36 10.00 34.07
N GLU A 232 -40.47 10.65 33.33
CA GLU A 232 -40.07 12.01 33.69
C GLU A 232 -41.03 13.05 33.13
N ILE A 233 -41.30 13.00 31.82
CA ILE A 233 -41.99 14.11 31.16
C ILE A 233 -43.39 13.74 30.68
N GLY A 234 -43.65 12.49 30.31
CA GLY A 234 -44.95 12.15 29.78
C GLY A 234 -44.91 11.35 28.49
N ILE A 235 -45.70 11.78 27.50
CA ILE A 235 -45.84 11.07 26.24
C ILE A 235 -45.12 11.80 25.10
N SER A 236 -44.48 12.93 25.39
CA SER A 236 -43.83 13.73 24.35
C SER A 236 -42.60 13.06 23.76
N CYS A 237 -42.22 11.88 24.25
CA CYS A 237 -41.04 11.20 23.72
C CYS A 237 -41.33 10.43 22.44
N LEU A 238 -42.60 10.32 22.04
CA LEU A 238 -42.93 9.55 20.84
C LEU A 238 -42.35 10.19 19.59
N ALA A 239 -42.43 11.51 19.49
CA ALA A 239 -41.87 12.19 18.32
C ALA A 239 -40.36 12.01 18.24
N GLY A 240 -39.68 12.15 19.38
CA GLY A 240 -38.24 11.94 19.40
C GLY A 240 -37.85 10.53 19.03
N MET A 241 -38.58 9.55 19.56
CA MET A 241 -38.30 8.16 19.23
C MET A 241 -38.54 7.88 17.74
N ALA A 242 -39.61 8.45 17.18
CA ALA A 242 -39.89 8.27 15.76
C ALA A 242 -38.80 8.90 14.90
N VAL A 243 -38.31 10.08 15.29
CA VAL A 243 -37.24 10.72 14.53
C VAL A 243 -35.97 9.89 14.62
N LEU A 244 -35.64 9.40 15.83
CA LEU A 244 -34.46 8.56 15.98
C LEU A 244 -34.57 7.28 15.19
N ILE A 245 -35.78 6.75 15.03
CA ILE A 245 -35.97 5.53 14.26
C ILE A 245 -35.81 5.80 12.77
N ILE A 246 -36.45 6.87 12.28
CA ILE A 246 -36.38 7.17 10.85
C ILE A 246 -35.02 7.71 10.45
N LEU A 247 -34.19 8.07 11.44
CA LEU A 247 -32.82 8.49 11.13
C LEU A 247 -31.97 7.35 10.62
N LEU A 248 -32.35 6.10 10.89
CA LEU A 248 -31.57 4.94 10.50
C LEU A 248 -31.68 4.63 9.00
N PRO A 249 -32.88 4.52 8.42
CA PRO A 249 -32.95 4.21 6.98
C PRO A 249 -32.42 5.32 6.11
N LEU A 250 -32.63 6.59 6.50
CA LEU A 250 -32.07 7.70 5.74
C LEU A 250 -30.55 7.63 5.72
N GLN A 251 -29.94 7.38 6.89
CA GLN A 251 -28.49 7.24 6.94
C GLN A 251 -28.01 6.02 6.15
N SER A 252 -28.82 4.95 6.14
CA SER A 252 -28.45 3.76 5.37
C SER A 252 -28.41 4.06 3.88
N CYS A 253 -29.45 4.72 3.36
CA CYS A 253 -29.45 5.08 1.94
C CYS A 253 -28.35 6.09 1.63
N PHE A 254 -28.08 7.01 2.56
CA PHE A 254 -26.99 7.96 2.36
C PHE A 254 -25.65 7.23 2.25
N GLY A 255 -25.41 6.25 3.13
CA GLY A 255 -24.18 5.50 3.06
C GLY A 255 -24.08 4.65 1.80
N LYS A 256 -25.21 4.09 1.34
CA LYS A 256 -25.21 3.33 0.11
C LYS A 256 -24.86 4.21 -1.08
N LEU A 257 -25.46 5.41 -1.15
CA LEU A 257 -25.14 6.34 -2.23
C LEU A 257 -23.70 6.80 -2.13
N PHE A 258 -23.19 7.00 -0.91
CA PHE A 258 -21.80 7.39 -0.73
C PHE A 258 -20.85 6.31 -1.21
N SER A 259 -21.17 5.04 -0.94
CA SER A 259 -20.33 3.95 -1.41
C SER A 259 -20.39 3.83 -2.93
N SER A 260 -21.57 4.03 -3.52
CA SER A 260 -21.67 4.00 -4.97
C SER A 260 -20.84 5.10 -5.61
N LEU A 261 -20.92 6.32 -5.06
CA LEU A 261 -20.12 7.42 -5.59
C LEU A 261 -18.64 7.19 -5.35
N ARG A 262 -18.29 6.56 -4.22
CA ARG A 262 -16.89 6.25 -3.95
C ARG A 262 -16.34 5.26 -4.97
N SER A 263 -17.13 4.25 -5.33
CA SER A 263 -16.70 3.32 -6.38
C SER A 263 -16.60 4.02 -7.73
N LYS A 264 -17.54 4.92 -8.02
CA LYS A 264 -17.51 5.65 -9.28
C LYS A 264 -16.28 6.55 -9.38
N THR A 265 -15.82 7.11 -8.27
CA THR A 265 -14.57 7.87 -8.28
C THR A 265 -13.36 6.95 -8.27
N ALA A 266 -13.45 5.78 -7.64
CA ALA A 266 -12.31 4.89 -7.53
C ALA A 266 -11.96 4.26 -8.88
N THR A 267 -12.96 3.94 -9.70
CA THR A 267 -12.66 3.39 -11.02
C THR A 267 -11.94 4.42 -11.89
N PHE A 268 -12.38 5.68 -11.82
CA PHE A 268 -11.72 6.74 -12.58
C PHE A 268 -10.33 7.02 -12.02
N THR A 269 -10.17 6.92 -10.70
CA THR A 269 -8.85 7.10 -10.10
C THR A 269 -7.89 6.00 -10.55
N ASP A 270 -8.38 4.76 -10.63
CA ASP A 270 -7.54 3.67 -11.11
C ASP A 270 -7.17 3.86 -12.58
N ALA A 271 -8.13 4.30 -13.39
CA ALA A 271 -7.82 4.57 -14.79
C ALA A 271 -6.77 5.68 -14.93
N ARG A 272 -6.93 6.75 -14.14
CA ARG A 272 -5.97 7.85 -14.21
C ARG A 272 -4.60 7.43 -13.70
N ILE A 273 -4.55 6.58 -12.68
CA ILE A 273 -3.27 6.09 -12.17
C ILE A 273 -2.58 5.22 -13.21
N ARG A 274 -3.36 4.37 -13.89
CA ARG A 274 -2.78 3.55 -14.96
C ARG A 274 -2.24 4.43 -16.08
N THR A 275 -2.99 5.45 -16.48
CA THR A 275 -2.52 6.36 -17.53
C THR A 275 -1.27 7.10 -17.10
N MET A 276 -1.22 7.55 -15.85
CA MET A 276 -0.04 8.25 -15.34
C MET A 276 1.18 7.34 -15.31
N ASN A 277 1.00 6.09 -14.87
CA ASN A 277 2.10 5.13 -14.89
C ASN A 277 2.58 4.88 -16.32
N GLU A 278 1.65 4.77 -17.27
CA GLU A 278 2.02 4.51 -18.65
C GLU A 278 2.78 5.69 -19.25
N VAL A 279 2.38 6.92 -18.92
CA VAL A 279 3.07 8.07 -19.50
C VAL A 279 4.38 8.35 -18.76
N ILE A 280 4.51 7.91 -17.51
CA ILE A 280 5.73 8.16 -16.75
C ILE A 280 6.80 7.14 -17.07
N THR A 281 6.42 5.87 -17.22
CA THR A 281 7.41 4.83 -17.50
C THR A 281 8.09 5.04 -18.85
N GLY A 282 7.44 5.76 -19.76
CA GLY A 282 8.04 6.09 -21.04
C GLY A 282 8.07 7.58 -21.29
N ILE A 283 8.38 8.35 -20.23
CA ILE A 283 8.32 9.81 -20.31
C ILE A 283 9.21 10.37 -21.41
N ARG A 284 10.31 9.68 -21.72
CA ARG A 284 11.19 10.14 -22.78
C ARG A 284 10.50 10.07 -24.13
N ILE A 285 9.61 9.09 -24.32
CA ILE A 285 8.93 8.94 -25.60
C ILE A 285 8.02 10.14 -25.86
N ILE A 286 7.23 10.52 -24.86
CA ILE A 286 6.35 11.68 -25.03
C ILE A 286 7.15 12.97 -25.07
N LYS A 287 8.25 13.04 -24.31
CA LYS A 287 9.06 14.27 -24.30
C LYS A 287 9.76 14.49 -25.63
N MET A 288 10.14 13.41 -26.32
CA MET A 288 10.80 13.56 -27.61
C MET A 288 9.79 13.85 -28.72
N TYR A 289 8.67 13.14 -28.73
CA TYR A 289 7.64 13.35 -29.74
C TYR A 289 6.82 14.61 -29.50
N ALA A 290 7.01 15.27 -28.35
CA ALA A 290 6.27 16.49 -28.01
C ALA A 290 4.76 16.25 -28.02
N TRP A 291 4.34 15.09 -27.52
CA TRP A 291 2.93 14.72 -27.44
C TRP A 291 2.31 15.08 -26.10
N GLU A 292 2.87 16.07 -25.40
CA GLU A 292 2.35 16.43 -24.08
C GLU A 292 1.00 17.13 -24.16
N LYS A 293 0.65 17.72 -25.31
CA LYS A 293 -0.59 18.47 -25.43
C LYS A 293 -1.81 17.54 -25.28
N SER A 294 -1.88 16.51 -26.14
CA SER A 294 -3.02 15.60 -26.08
C SER A 294 -3.04 14.81 -24.78
N PHE A 295 -1.86 14.45 -24.27
CA PHE A 295 -1.78 13.74 -22.99
C PHE A 295 -2.36 14.60 -21.87
N SER A 296 -1.97 15.87 -21.82
CA SER A 296 -2.52 16.77 -20.81
C SER A 296 -4.02 16.98 -21.00
N ASN A 297 -4.47 17.05 -22.26
CA ASN A 297 -5.89 17.21 -22.52
C ASN A 297 -6.69 16.04 -21.97
N LEU A 298 -6.28 14.81 -22.29
CA LEU A 298 -7.00 13.64 -21.80
C LEU A 298 -6.86 13.51 -20.28
N ILE A 299 -5.72 13.94 -19.72
CA ILE A 299 -5.53 13.85 -18.28
C ILE A 299 -6.50 14.79 -17.56
N THR A 300 -6.61 16.04 -18.04
CA THR A 300 -7.56 16.96 -17.42
C THR A 300 -9.00 16.54 -17.68
N ASN A 301 -9.27 15.89 -18.82
CA ASN A 301 -10.61 15.38 -19.07
C ASN A 301 -10.99 14.32 -18.06
N LEU A 302 -10.11 13.33 -17.85
CA LEU A 302 -10.37 12.31 -16.85
C LEU A 302 -10.44 12.91 -15.45
N ARG A 303 -9.60 13.93 -15.17
CA ARG A 303 -9.60 14.56 -13.87
C ARG A 303 -10.94 15.25 -13.60
N LYS A 304 -11.49 15.93 -14.61
CA LYS A 304 -12.79 16.57 -14.43
C LYS A 304 -13.91 15.53 -14.30
N LYS A 305 -13.85 14.46 -15.12
CA LYS A 305 -14.85 13.42 -15.03
C LYS A 305 -14.85 12.75 -13.65
N GLU A 306 -13.68 12.67 -13.03
CA GLU A 306 -13.60 12.10 -11.68
C GLU A 306 -13.98 13.11 -10.62
N ILE A 307 -13.59 14.38 -10.79
CA ILE A 307 -13.85 15.40 -9.79
C ILE A 307 -15.33 15.74 -9.73
N SER A 308 -16.08 15.50 -10.82
CA SER A 308 -17.53 15.67 -10.74
C SER A 308 -18.13 14.76 -9.68
N LYS A 309 -17.87 13.45 -9.79
CA LYS A 309 -18.37 12.52 -8.78
C LYS A 309 -17.71 12.74 -7.42
N ILE A 310 -16.46 13.22 -7.40
CA ILE A 310 -15.82 13.53 -6.13
C ILE A 310 -16.58 14.64 -5.41
N LEU A 311 -16.94 15.70 -6.14
CA LEU A 311 -17.70 16.79 -5.55
C LEU A 311 -19.09 16.34 -5.14
N ARG A 312 -19.71 15.47 -5.94
CA ARG A 312 -21.02 14.92 -5.57
C ARG A 312 -20.93 14.17 -4.25
N SER A 313 -19.94 13.27 -4.12
CA SER A 313 -19.77 12.51 -2.88
C SER A 313 -19.41 13.41 -1.72
N SER A 314 -18.63 14.47 -1.97
CA SER A 314 -18.27 15.40 -0.90
C SER A 314 -19.50 16.16 -0.40
N CYS A 315 -20.35 16.59 -1.32
CA CYS A 315 -21.59 17.26 -0.91
C CYS A 315 -22.50 16.31 -0.15
N LEU A 316 -22.58 15.05 -0.60
CA LEU A 316 -23.39 14.06 0.12
C LEU A 316 -22.86 13.84 1.53
N ARG A 317 -21.53 13.69 1.67
CA ARG A 317 -20.94 13.48 2.98
C ARG A 317 -21.12 14.71 3.87
N GLY A 318 -21.05 15.91 3.29
CA GLY A 318 -21.28 17.11 4.08
C GLY A 318 -22.71 17.21 4.57
N MET A 319 -23.67 16.87 3.70
CA MET A 319 -25.07 16.85 4.13
C MET A 319 -25.29 15.81 5.23
N ASN A 320 -24.67 14.64 5.10
CA ASN A 320 -24.80 13.60 6.11
C ASN A 320 -24.21 14.06 7.44
N LEU A 321 -23.04 14.71 7.39
CA LEU A 321 -22.41 15.19 8.62
C LEU A 321 -23.23 16.30 9.27
N ALA A 322 -23.78 17.21 8.46
CA ALA A 322 -24.64 18.26 9.00
C ALA A 322 -25.88 17.67 9.65
N SER A 323 -26.47 16.65 9.02
CA SER A 323 -27.63 15.99 9.61
C SER A 323 -27.28 15.31 10.92
N PHE A 324 -26.14 14.62 10.95
CA PHE A 324 -25.70 13.95 12.17
C PHE A 324 -25.42 14.95 13.29
N PHE A 325 -24.93 16.14 12.93
CA PHE A 325 -24.63 17.15 13.94
C PHE A 325 -25.88 17.87 14.44
N SER A 326 -26.87 18.07 13.57
CA SER A 326 -28.07 18.81 13.92
C SER A 326 -29.24 17.91 14.34
N ALA A 327 -29.06 16.59 14.31
CA ALA A 327 -30.13 15.70 14.73
C ALA A 327 -30.50 15.90 16.19
N SER A 328 -29.51 16.12 17.05
CA SER A 328 -29.79 16.36 18.46
C SER A 328 -30.64 17.60 18.65
N LYS A 329 -30.26 18.70 17.98
CA LYS A 329 -31.02 19.94 18.11
C LYS A 329 -32.42 19.79 17.52
N ILE A 330 -32.55 19.07 16.41
CA ILE A 330 -33.86 18.86 15.80
C ILE A 330 -34.76 18.06 16.73
N ILE A 331 -34.23 16.98 17.31
CA ILE A 331 -35.01 16.17 18.24
C ILE A 331 -35.41 16.98 19.46
N VAL A 332 -34.48 17.77 20.00
CA VAL A 332 -34.79 18.59 21.17
C VAL A 332 -35.90 19.58 20.85
N PHE A 333 -35.79 20.26 19.71
CA PHE A 333 -36.80 21.26 19.32
C PHE A 333 -38.16 20.61 19.12
N VAL A 334 -38.19 19.47 18.43
CA VAL A 334 -39.47 18.80 18.16
C VAL A 334 -40.11 18.33 19.46
N THR A 335 -39.32 17.71 20.34
CA THR A 335 -39.86 17.22 21.60
C THR A 335 -40.38 18.37 22.46
N PHE A 336 -39.64 19.48 22.49
CA PHE A 336 -40.06 20.59 23.34
C PHE A 336 -41.30 21.29 22.76
N THR A 337 -41.39 21.37 21.43
CA THR A 337 -42.59 21.91 20.81
C THR A 337 -43.80 21.03 21.11
N THR A 338 -43.63 19.71 21.03
CA THR A 338 -44.72 18.80 21.35
C THR A 338 -45.12 18.88 22.82
N TYR A 339 -44.14 19.09 23.71
CA TYR A 339 -44.44 19.20 25.13
C TYR A 339 -45.13 20.51 25.47
N VAL A 340 -44.73 21.61 24.82
CA VAL A 340 -45.38 22.89 25.07
C VAL A 340 -46.78 22.93 24.47
N LEU A 341 -46.97 22.28 23.32
CA LEU A 341 -48.29 22.26 22.70
C LEU A 341 -49.32 21.50 23.54
N LEU A 342 -48.87 20.66 24.48
CA LEU A 342 -49.81 19.95 25.34
C LEU A 342 -50.44 20.89 26.37
N GLY A 343 -49.65 21.81 26.91
CA GLY A 343 -50.17 22.76 27.89
C GLY A 343 -49.56 22.60 29.27
N SER A 344 -48.31 22.14 29.33
CA SER A 344 -47.62 21.93 30.58
C SER A 344 -46.66 23.09 30.84
N VAL A 345 -45.88 22.98 31.91
CA VAL A 345 -44.91 23.99 32.28
C VAL A 345 -43.51 23.48 31.97
N ILE A 346 -42.57 24.41 31.86
CA ILE A 346 -41.19 24.12 31.53
C ILE A 346 -40.34 24.25 32.79
N THR A 347 -39.67 23.17 33.16
CA THR A 347 -38.76 23.15 34.31
C THR A 347 -37.34 22.89 33.82
N ALA A 348 -36.38 23.60 34.41
CA ALA A 348 -35.00 23.53 33.95
C ALA A 348 -34.43 22.13 34.11
N SER A 349 -34.68 21.50 35.25
CA SER A 349 -34.11 20.19 35.53
C SER A 349 -34.59 19.15 34.52
N ARG A 350 -35.91 19.10 34.29
CA ARG A 350 -36.46 18.14 33.34
C ARG A 350 -35.97 18.41 31.92
N VAL A 351 -35.88 19.70 31.55
CA VAL A 351 -35.39 20.05 30.22
C VAL A 351 -33.95 19.58 30.03
N PHE A 352 -33.11 19.79 31.03
CA PHE A 352 -31.71 19.41 30.89
C PHE A 352 -31.55 17.89 30.90
N VAL A 353 -32.32 17.19 31.74
CA VAL A 353 -32.31 15.73 31.72
C VAL A 353 -32.74 15.22 30.35
N ALA A 354 -33.78 15.83 29.77
CA ALA A 354 -34.28 15.39 28.48
C ALA A 354 -33.25 15.60 27.38
N VAL A 355 -32.62 16.77 27.34
CA VAL A 355 -31.66 17.05 26.28
C VAL A 355 -30.42 16.17 26.43
N THR A 356 -29.99 15.92 27.68
CA THR A 356 -28.84 15.07 27.90
C THR A 356 -29.12 13.64 27.46
N LEU A 357 -30.28 13.10 27.86
CA LEU A 357 -30.63 11.74 27.48
C LEU A 357 -30.82 11.60 25.98
N TYR A 358 -31.41 12.63 25.35
CA TYR A 358 -31.60 12.58 23.90
C TYR A 358 -30.26 12.62 23.18
N GLY A 359 -29.33 13.47 23.62
CA GLY A 359 -28.01 13.50 23.01
C GLY A 359 -27.27 12.18 23.18
N ALA A 360 -27.38 11.59 24.38
CA ALA A 360 -26.72 10.32 24.62
C ALA A 360 -27.30 9.21 23.74
N VAL A 361 -28.62 9.16 23.63
CA VAL A 361 -29.27 8.13 22.81
C VAL A 361 -28.92 8.33 21.34
N ARG A 362 -28.89 9.58 20.87
CA ARG A 362 -28.52 9.84 19.49
C ARG A 362 -27.09 9.40 19.21
N LEU A 363 -26.16 9.78 20.10
CA LEU A 363 -24.77 9.37 19.95
C LEU A 363 -24.66 7.85 19.89
N THR A 364 -25.32 7.16 20.82
CA THR A 364 -25.27 5.70 20.84
C THR A 364 -25.80 5.11 19.54
N VAL A 365 -27.02 5.49 19.16
CA VAL A 365 -27.67 4.92 17.98
C VAL A 365 -26.89 5.19 16.70
N THR A 366 -26.30 6.38 16.57
CA THR A 366 -25.61 6.72 15.33
C THR A 366 -24.11 6.41 15.36
N LEU A 367 -23.57 5.93 16.48
CA LEU A 367 -22.17 5.54 16.52
C LEU A 367 -21.97 4.05 16.74
N PHE A 368 -22.57 3.47 17.79
CA PHE A 368 -22.26 2.08 18.14
C PHE A 368 -23.04 1.09 17.27
N PHE A 369 -24.34 1.32 17.07
CA PHE A 369 -25.18 0.32 16.41
C PHE A 369 -24.75 0.03 14.98
N PRO A 370 -24.60 1.03 14.08
CA PRO A 370 -24.18 0.68 12.71
C PRO A 370 -22.77 0.14 12.65
N SER A 371 -21.85 0.70 13.46
CA SER A 371 -20.50 0.17 13.52
C SER A 371 -20.50 -1.27 14.02
N ALA A 372 -21.32 -1.55 15.05
CA ALA A 372 -21.44 -2.92 15.53
C ALA A 372 -21.94 -3.86 14.43
N ILE A 373 -22.98 -3.44 13.71
CA ILE A 373 -23.55 -4.29 12.66
C ILE A 373 -22.51 -4.56 11.58
N GLU A 374 -21.82 -3.52 11.12
CA GLU A 374 -20.86 -3.70 10.03
C GLU A 374 -19.66 -4.53 10.48
N ARG A 375 -19.19 -4.31 11.71
CA ARG A 375 -18.06 -5.10 12.21
C ARG A 375 -18.43 -6.56 12.38
N VAL A 376 -19.65 -6.83 12.87
CA VAL A 376 -20.08 -8.21 13.03
C VAL A 376 -20.25 -8.88 11.67
N SER A 377 -20.78 -8.16 10.69
CA SER A 377 -20.91 -8.72 9.35
C SER A 377 -19.54 -9.03 8.75
N GLU A 378 -18.58 -8.11 8.89
CA GLU A 378 -17.25 -8.34 8.37
C GLU A 378 -16.58 -9.52 9.07
N ALA A 379 -16.76 -9.63 10.38
CA ALA A 379 -16.16 -10.73 11.13
C ALA A 379 -16.78 -12.06 10.74
N ILE A 380 -18.10 -12.09 10.51
CA ILE A 380 -18.76 -13.32 10.09
C ILE A 380 -18.27 -13.74 8.70
N VAL A 381 -18.14 -12.76 7.80
CA VAL A 381 -17.62 -13.06 6.46
C VAL A 381 -16.20 -13.60 6.54
N SER A 382 -15.37 -12.98 7.39
CA SER A 382 -13.98 -13.43 7.53
C SER A 382 -13.91 -14.83 8.13
N ILE A 383 -14.76 -15.12 9.11
CA ILE A 383 -14.78 -16.44 9.72
C ILE A 383 -15.23 -17.49 8.72
N ARG A 384 -16.24 -17.16 7.90
CA ARG A 384 -16.68 -18.10 6.87
C ARG A 384 -15.60 -18.34 5.83
N ARG A 385 -14.86 -17.29 5.46
CA ARG A 385 -13.77 -17.44 4.51
C ARG A 385 -12.67 -18.32 5.09
N ILE A 386 -12.30 -18.09 6.35
CA ILE A 386 -11.29 -18.93 7.00
C ILE A 386 -11.78 -20.38 7.06
N GLN A 387 -13.06 -20.58 7.33
CA GLN A 387 -13.60 -21.93 7.43
C GLN A 387 -13.54 -22.65 6.09
N THR A 388 -13.96 -21.98 5.01
CA THR A 388 -13.93 -22.64 3.71
C THR A 388 -12.49 -22.75 3.18
N PHE A 389 -11.56 -21.99 3.75
CA PHE A 389 -10.16 -22.14 3.38
C PHE A 389 -9.51 -23.30 4.12
N LEU A 390 -9.93 -23.56 5.36
CA LEU A 390 -9.36 -24.65 6.14
C LEU A 390 -9.95 -26.02 5.77
N LEU A 391 -11.02 -26.06 5.00
CA LEU A 391 -11.67 -27.31 4.61
C LEU A 391 -11.08 -27.91 3.35
N LEU A 392 -9.85 -27.56 3.00
CA LEU A 392 -9.22 -28.10 1.80
C LEU A 392 -8.60 -29.47 2.09
N ASP A 393 -8.15 -30.13 1.03
CA ASP A 393 -7.53 -31.44 1.14
C ASP A 393 -6.11 -31.29 1.65
N GLU A 394 -5.84 -31.91 2.81
CA GLU A 394 -4.51 -31.85 3.40
C GLU A 394 -3.63 -32.98 2.85
N ILE A 395 -2.37 -32.99 3.27
CA ILE A 395 -1.44 -34.00 2.84
C ILE A 395 -1.44 -35.16 3.83
N SER A 396 -1.05 -36.34 3.36
CA SER A 396 -1.01 -37.53 4.20
C SER A 396 0.15 -37.46 5.18
N LYS A 408 18.65 -48.48 1.08
CA LYS A 408 19.18 -47.14 0.86
C LYS A 408 19.20 -46.82 -0.63
N MET A 409 18.42 -47.56 -1.41
CA MET A 409 18.38 -47.39 -2.86
C MET A 409 16.93 -47.20 -3.30
N VAL A 410 16.77 -46.75 -4.54
CA VAL A 410 15.46 -46.51 -5.13
C VAL A 410 15.08 -47.73 -5.97
N HIS A 411 13.78 -48.01 -6.02
CA HIS A 411 13.27 -49.14 -6.76
C HIS A 411 11.77 -48.96 -6.97
N VAL A 412 11.34 -48.92 -8.23
CA VAL A 412 9.94 -48.70 -8.57
C VAL A 412 9.55 -49.67 -9.68
N GLN A 413 8.26 -50.00 -9.74
CA GLN A 413 7.70 -50.89 -10.76
C GLN A 413 6.47 -50.21 -11.37
N ASP A 414 6.71 -49.37 -12.38
CA ASP A 414 5.64 -48.72 -13.14
C ASP A 414 4.66 -47.98 -12.23
N PHE A 415 5.17 -47.06 -11.42
CA PHE A 415 4.31 -46.25 -10.56
C PHE A 415 3.56 -45.24 -11.41
N THR A 416 2.31 -45.54 -11.73
CA THR A 416 1.50 -44.73 -12.64
C THR A 416 0.54 -43.88 -11.81
N ALA A 417 0.84 -42.59 -11.71
CA ALA A 417 -0.02 -41.64 -11.01
C ALA A 417 -0.44 -40.52 -11.95
N PHE A 418 -1.60 -39.92 -11.65
CA PHE A 418 -2.18 -38.87 -12.48
C PHE A 418 -2.00 -37.54 -11.77
N TRP A 419 -1.53 -36.53 -12.53
CA TRP A 419 -1.42 -35.18 -11.99
C TRP A 419 -2.63 -34.33 -12.31
N ASP A 420 -3.25 -34.54 -13.46
CA ASP A 420 -4.44 -33.82 -13.91
C ASP A 420 -5.61 -34.78 -13.73
N LYS A 421 -6.31 -34.66 -12.59
CA LYS A 421 -7.42 -35.55 -12.29
C LYS A 421 -8.64 -35.29 -13.17
N ALA A 422 -8.68 -34.17 -13.90
CA ALA A 422 -9.80 -33.91 -14.81
C ALA A 422 -9.80 -34.90 -15.96
N SER A 423 -8.63 -35.14 -16.55
CA SER A 423 -8.47 -36.12 -17.63
C SER A 423 -7.81 -37.36 -17.04
N GLU A 424 -8.56 -38.46 -16.97
CA GLU A 424 -8.09 -39.68 -16.32
C GLU A 424 -7.00 -40.38 -17.11
N THR A 425 -6.56 -39.85 -18.25
CA THR A 425 -5.48 -40.46 -19.00
C THR A 425 -4.18 -40.37 -18.21
N PRO A 426 -3.33 -41.39 -18.25
CA PRO A 426 -2.06 -41.33 -17.51
C PRO A 426 -1.11 -40.33 -18.15
N THR A 427 -0.43 -39.56 -17.30
CA THR A 427 0.45 -38.51 -17.81
C THR A 427 1.88 -38.99 -18.00
N LEU A 428 2.31 -39.96 -17.20
CA LEU A 428 3.68 -40.45 -17.29
C LEU A 428 3.73 -41.87 -16.75
N GLN A 429 4.32 -42.78 -17.52
CA GLN A 429 4.42 -44.19 -17.14
C GLN A 429 5.85 -44.67 -17.27
N GLY A 430 6.07 -45.98 -17.10
CA GLY A 430 7.38 -46.56 -17.27
C GLY A 430 8.39 -46.13 -16.23
N LEU A 431 8.18 -46.54 -14.98
CA LEU A 431 9.07 -46.19 -13.88
C LEU A 431 9.79 -47.46 -13.42
N SER A 432 11.06 -47.60 -13.82
CA SER A 432 11.89 -48.73 -13.39
C SER A 432 13.33 -48.23 -13.31
N PHE A 433 13.73 -47.84 -12.09
CA PHE A 433 15.05 -47.28 -11.86
C PHE A 433 15.72 -48.01 -10.71
N THR A 434 16.99 -48.35 -10.90
CA THR A 434 17.79 -49.00 -9.85
C THR A 434 19.20 -48.45 -9.94
N VAL A 435 19.65 -47.80 -8.85
CA VAL A 435 20.95 -47.15 -8.81
C VAL A 435 21.78 -47.78 -7.70
N ARG A 436 23.10 -47.71 -7.85
CA ARG A 436 24.06 -48.28 -6.91
C ARG A 436 24.87 -47.17 -6.27
N PRO A 437 25.47 -47.44 -5.09
CA PRO A 437 26.27 -46.40 -4.42
C PRO A 437 27.49 -45.98 -5.23
N GLY A 438 27.55 -44.71 -5.60
CA GLY A 438 28.65 -44.16 -6.37
C GLY A 438 28.29 -43.75 -7.79
N GLU A 439 27.09 -44.05 -8.25
CA GLU A 439 26.70 -43.73 -9.62
C GLU A 439 26.22 -42.29 -9.72
N LEU A 440 26.41 -41.69 -10.89
CA LEU A 440 25.90 -40.36 -11.19
C LEU A 440 24.93 -40.50 -12.36
N LEU A 441 23.66 -40.18 -12.13
CA LEU A 441 22.62 -40.35 -13.12
C LEU A 441 22.22 -39.01 -13.72
N ALA A 442 22.06 -38.98 -15.03
CA ALA A 442 21.69 -37.77 -15.75
C ALA A 442 20.32 -37.92 -16.39
N VAL A 443 19.53 -36.86 -16.35
CA VAL A 443 18.19 -36.83 -16.93
C VAL A 443 18.11 -35.65 -17.89
N VAL A 444 17.61 -35.90 -19.09
CA VAL A 444 17.42 -34.87 -20.11
C VAL A 444 16.04 -35.05 -20.73
N GLY A 445 15.35 -33.93 -20.94
CA GLY A 445 14.03 -33.95 -21.51
C GLY A 445 13.55 -32.58 -21.94
N PRO A 446 12.61 -32.54 -22.88
CA PRO A 446 12.07 -31.25 -23.33
C PRO A 446 11.10 -30.64 -22.33
N VAL A 447 10.46 -29.53 -22.70
CA VAL A 447 9.49 -28.91 -21.83
C VAL A 447 8.30 -29.84 -21.63
N GLY A 448 7.83 -29.94 -20.39
CA GLY A 448 6.72 -30.83 -20.08
C GLY A 448 7.06 -32.29 -20.22
N ALA A 449 8.33 -32.67 -20.05
CA ALA A 449 8.71 -34.07 -20.17
C ALA A 449 8.21 -34.89 -18.99
N GLY A 450 8.30 -34.34 -17.78
CA GLY A 450 7.82 -35.05 -16.60
C GLY A 450 8.88 -35.23 -15.53
N LYS A 451 9.88 -34.35 -15.52
CA LYS A 451 10.92 -34.43 -14.49
C LYS A 451 10.36 -34.04 -13.13
N SER A 452 9.52 -33.00 -13.09
CA SER A 452 8.92 -32.58 -11.83
C SER A 452 8.01 -33.66 -11.25
N SER A 453 7.33 -34.40 -12.13
CA SER A 453 6.50 -35.51 -11.67
C SER A 453 7.34 -36.53 -10.91
N LEU A 454 8.52 -36.89 -11.45
CA LEU A 454 9.38 -37.84 -10.77
C LEU A 454 9.94 -37.26 -9.47
N LEU A 455 10.40 -36.00 -9.51
CA LEU A 455 10.96 -35.40 -8.30
C LEU A 455 9.90 -35.24 -7.21
N SER A 456 8.63 -35.19 -7.58
CA SER A 456 7.58 -35.11 -6.56
C SER A 456 7.10 -36.50 -6.13
N ALA A 457 7.22 -37.50 -7.01
CA ALA A 457 6.81 -38.84 -6.66
C ALA A 457 7.81 -39.51 -5.74
N VAL A 458 9.11 -39.27 -5.97
CA VAL A 458 10.12 -39.87 -5.10
C VAL A 458 10.08 -39.24 -3.71
N LEU A 459 9.85 -37.93 -3.64
CA LEU A 459 9.76 -37.24 -2.35
C LEU A 459 8.44 -37.49 -1.64
N GLY A 460 7.44 -38.05 -2.33
CA GLY A 460 6.16 -38.33 -1.73
C GLY A 460 5.12 -37.24 -1.92
N GLU A 461 5.43 -36.17 -2.65
CA GLU A 461 4.44 -35.12 -2.90
C GLU A 461 3.28 -35.66 -3.74
N LEU A 462 3.58 -36.53 -4.70
CA LEU A 462 2.56 -37.07 -5.57
C LEU A 462 1.72 -38.10 -4.84
N ALA A 463 0.41 -38.04 -5.05
CA ALA A 463 -0.50 -38.97 -4.39
C ALA A 463 -0.37 -40.36 -5.01
N PRO A 464 -0.19 -41.40 -4.19
CA PRO A 464 -0.04 -42.76 -4.74
C PRO A 464 -1.36 -43.33 -5.23
N SER A 465 -1.45 -43.60 -6.54
CA SER A 465 -2.63 -44.23 -7.12
C SER A 465 -2.40 -45.70 -7.42
N HIS A 466 -1.33 -46.01 -8.14
CA HIS A 466 -1.01 -47.39 -8.50
C HIS A 466 0.49 -47.50 -8.75
N GLY A 467 1.12 -48.49 -8.13
CA GLY A 467 2.55 -48.69 -8.28
C GLY A 467 3.25 -49.02 -6.98
N LEU A 468 4.48 -48.54 -6.81
CA LEU A 468 5.24 -48.78 -5.59
C LEU A 468 6.31 -47.71 -5.47
N VAL A 469 6.44 -47.16 -4.26
CA VAL A 469 7.45 -46.16 -3.94
C VAL A 469 8.24 -46.68 -2.74
N SER A 470 9.50 -47.02 -2.96
CA SER A 470 10.35 -47.60 -1.91
C SER A 470 11.63 -46.78 -1.82
N VAL A 471 11.74 -45.98 -0.76
CA VAL A 471 12.94 -45.21 -0.47
C VAL A 471 13.34 -45.49 0.97
N HIS A 472 14.64 -45.43 1.25
CA HIS A 472 15.16 -45.71 2.59
C HIS A 472 16.05 -44.56 3.04
N GLY A 473 15.85 -44.12 4.29
CA GLY A 473 16.67 -43.07 4.85
C GLY A 473 16.08 -41.69 4.64
N ARG A 474 16.81 -40.69 5.13
CA ARG A 474 16.40 -39.31 4.99
C ARG A 474 16.58 -38.85 3.55
N ILE A 475 15.61 -38.10 3.04
CA ILE A 475 15.60 -37.63 1.66
C ILE A 475 15.35 -36.13 1.67
N ALA A 476 16.09 -35.40 0.83
CA ALA A 476 15.93 -33.96 0.68
C ALA A 476 15.53 -33.61 -0.75
N TYR A 477 14.89 -32.45 -0.89
CA TYR A 477 14.42 -31.99 -2.19
C TYR A 477 15.05 -30.64 -2.52
N VAL A 478 15.40 -30.46 -3.79
CA VAL A 478 15.98 -29.22 -4.29
C VAL A 478 15.07 -28.69 -5.38
N SER A 479 14.38 -27.58 -5.09
CA SER A 479 13.47 -26.98 -6.06
C SER A 479 14.24 -26.31 -7.19
N GLN A 480 13.58 -26.17 -8.33
CA GLN A 480 14.20 -25.48 -9.47
C GLN A 480 14.43 -24.00 -9.16
N GLN A 481 13.54 -23.40 -8.39
CA GLN A 481 13.67 -22.04 -7.91
C GLN A 481 14.13 -22.04 -6.46
N PRO A 482 15.04 -21.13 -6.10
CA PRO A 482 15.57 -21.12 -4.73
C PRO A 482 14.51 -20.74 -3.71
N TRP A 483 14.82 -21.02 -2.44
CA TRP A 483 13.92 -20.74 -1.33
C TRP A 483 14.75 -20.49 -0.07
N VAL A 484 14.32 -19.53 0.73
CA VAL A 484 15.04 -19.19 1.97
C VAL A 484 14.10 -18.42 2.88
N PHE A 485 14.37 -18.47 4.18
CA PHE A 485 13.62 -17.69 5.17
C PHE A 485 14.50 -16.58 5.72
N SER A 486 13.90 -15.70 6.52
CA SER A 486 14.62 -14.57 7.08
C SER A 486 15.49 -15.02 8.26
N GLY A 487 16.54 -14.24 8.52
CA GLY A 487 17.47 -14.48 9.61
C GLY A 487 18.89 -14.31 9.14
N THR A 488 19.81 -14.97 9.83
CA THR A 488 21.22 -14.88 9.50
C THR A 488 21.54 -15.80 8.33
N LEU A 489 22.84 -15.99 8.08
CA LEU A 489 23.32 -16.86 7.01
C LEU A 489 23.95 -18.15 7.50
N ARG A 490 24.67 -18.11 8.62
CA ARG A 490 25.31 -19.33 9.14
C ARG A 490 24.28 -20.37 9.54
N SER A 491 23.35 -19.99 10.43
CA SER A 491 22.28 -20.90 10.82
C SER A 491 21.35 -21.19 9.66
N ASN A 492 21.30 -20.31 8.65
CA ASN A 492 20.50 -20.59 7.46
C ASN A 492 21.11 -21.72 6.65
N ILE A 493 22.43 -21.73 6.52
CA ILE A 493 23.11 -22.80 5.78
C ILE A 493 23.09 -24.10 6.58
N LEU A 494 23.45 -24.04 7.87
CA LEU A 494 23.51 -25.26 8.67
C LEU A 494 22.14 -25.73 9.14
N PHE A 495 21.10 -24.92 8.97
CA PHE A 495 19.71 -25.31 9.21
C PHE A 495 19.48 -25.78 10.65
N GLY A 496 20.01 -25.05 11.63
CA GLY A 496 19.78 -25.37 13.02
C GLY A 496 20.51 -26.60 13.54
N LYS A 497 21.36 -27.22 12.74
CA LYS A 497 22.12 -28.39 13.16
C LYS A 497 23.36 -27.97 13.93
N LYS A 498 24.26 -28.91 14.14
CA LYS A 498 25.51 -28.62 14.85
C LYS A 498 26.53 -28.03 13.88
N TYR A 499 27.16 -26.94 14.29
CA TYR A 499 28.19 -26.27 13.48
C TYR A 499 29.45 -27.12 13.53
N GLU A 500 29.53 -28.09 12.63
CA GLU A 500 30.63 -29.03 12.57
C GLU A 500 31.72 -28.48 11.65
N LYS A 501 32.98 -28.82 11.96
CA LYS A 501 34.12 -28.17 11.32
C LYS A 501 34.29 -28.63 9.87
N GLU A 502 34.52 -29.93 9.67
CA GLU A 502 34.94 -30.41 8.35
C GLU A 502 33.81 -30.31 7.33
N ARG A 503 32.58 -30.63 7.75
CA ARG A 503 31.44 -30.51 6.85
C ARG A 503 31.29 -29.08 6.35
N TYR A 504 31.17 -28.13 7.29
CA TYR A 504 30.96 -26.74 6.91
C TYR A 504 32.12 -26.20 6.09
N GLU A 505 33.35 -26.58 6.45
CA GLU A 505 34.50 -26.05 5.71
C GLU A 505 34.53 -26.61 4.29
N LYS A 506 34.19 -27.89 4.12
CA LYS A 506 34.15 -28.45 2.77
C LYS A 506 33.07 -27.75 1.94
N VAL A 507 31.90 -27.52 2.54
CA VAL A 507 30.82 -26.87 1.80
C VAL A 507 31.20 -25.43 1.43
N ILE A 508 31.93 -24.73 2.31
CA ILE A 508 32.20 -23.33 1.99
C ILE A 508 33.35 -23.20 0.99
N LYS A 509 34.38 -24.04 1.08
CA LYS A 509 35.44 -23.98 0.06
C LYS A 509 34.99 -24.60 -1.25
N ALA A 510 33.93 -25.41 -1.26
CA ALA A 510 33.47 -26.07 -2.47
C ALA A 510 32.27 -25.39 -3.11
N CYS A 511 31.89 -24.20 -2.67
CA CYS A 511 30.73 -23.50 -3.22
C CYS A 511 31.08 -22.11 -3.74
N ALA A 512 32.37 -21.82 -3.96
CA ALA A 512 32.83 -20.54 -4.49
C ALA A 512 32.29 -19.38 -3.65
N LEU A 513 32.68 -19.37 -2.38
CA LEU A 513 32.18 -18.40 -1.41
C LEU A 513 33.26 -17.42 -0.94
N LYS A 514 34.52 -17.64 -1.31
CA LYS A 514 35.59 -16.75 -0.88
C LYS A 514 35.37 -15.34 -1.42
N LYS A 515 34.97 -15.21 -2.68
CA LYS A 515 34.71 -13.90 -3.26
C LYS A 515 33.53 -13.23 -2.58
N ASP A 516 32.46 -13.99 -2.31
CA ASP A 516 31.30 -13.43 -1.62
C ASP A 516 31.71 -12.91 -0.24
N LEU A 517 32.46 -13.71 0.51
CA LEU A 517 32.91 -13.30 1.84
C LEU A 517 33.84 -12.10 1.80
N GLN A 518 34.72 -12.00 0.81
CA GLN A 518 35.58 -10.83 0.70
C GLN A 518 34.81 -9.62 0.20
N LEU A 519 33.62 -9.84 -0.37
CA LEU A 519 32.70 -8.74 -0.69
C LEU A 519 31.60 -8.56 0.35
N LEU A 520 31.48 -9.46 1.32
CA LEU A 520 30.42 -9.35 2.31
C LEU A 520 30.93 -8.63 3.56
N GLU A 521 29.99 -8.30 4.45
CA GLU A 521 30.32 -7.44 5.60
C GLU A 521 30.96 -8.24 6.72
N ASP A 522 30.24 -9.22 7.28
CA ASP A 522 30.71 -9.95 8.46
C ASP A 522 30.54 -11.45 8.25
N GLY A 523 30.81 -11.93 7.04
CA GLY A 523 30.75 -13.36 6.78
C GLY A 523 29.32 -13.86 6.85
N ASP A 524 29.14 -15.04 7.44
CA ASP A 524 27.83 -15.67 7.54
C ASP A 524 27.05 -15.27 8.78
N LEU A 525 27.52 -14.28 9.54
CA LEU A 525 26.82 -13.78 10.72
C LEU A 525 26.07 -12.49 10.45
N THR A 526 25.76 -12.19 9.19
CA THR A 526 25.06 -10.96 8.85
C THR A 526 23.56 -11.21 8.72
N VAL A 527 22.79 -10.14 8.91
CA VAL A 527 21.34 -10.20 8.78
C VAL A 527 20.97 -9.97 7.32
N ILE A 528 20.43 -10.99 6.67
CA ILE A 528 20.05 -10.93 5.27
C ILE A 528 18.56 -11.21 5.15
N GLY A 529 17.85 -10.35 4.42
CA GLY A 529 16.43 -10.50 4.22
C GLY A 529 16.09 -11.34 3.00
N ASP A 530 14.79 -11.56 2.82
CA ASP A 530 14.28 -12.36 1.72
C ASP A 530 13.98 -11.47 0.52
N ARG A 531 13.29 -12.03 -0.47
CA ARG A 531 12.86 -11.33 -1.69
C ARG A 531 14.03 -10.82 -2.52
N GLY A 532 15.25 -11.25 -2.22
CA GLY A 532 16.42 -10.83 -2.98
C GLY A 532 16.71 -9.35 -2.90
N THR A 533 16.55 -8.75 -1.71
CA THR A 533 16.81 -7.32 -1.55
C THR A 533 18.29 -7.00 -1.65
N THR A 534 19.16 -7.98 -1.39
CA THR A 534 20.59 -7.78 -1.45
C THR A 534 21.35 -8.94 -2.09
N LEU A 535 20.65 -9.97 -2.56
CA LEU A 535 21.30 -11.18 -3.06
C LEU A 535 20.81 -11.44 -4.48
N SER A 536 21.73 -11.67 -5.40
CA SER A 536 21.39 -11.92 -6.80
C SER A 536 21.05 -13.40 -6.97
N GLY A 537 20.90 -13.84 -8.23
CA GLY A 537 20.52 -15.22 -8.48
C GLY A 537 21.65 -16.20 -8.29
N GLY A 538 22.87 -15.82 -8.67
CA GLY A 538 24.01 -16.70 -8.58
C GLY A 538 24.35 -17.13 -7.17
N GLN A 539 24.59 -16.16 -6.29
CA GLN A 539 24.90 -16.48 -4.89
C GLN A 539 23.71 -17.12 -4.20
N LYS A 540 22.48 -16.81 -4.65
CA LYS A 540 21.31 -17.48 -4.10
C LYS A 540 21.30 -18.97 -4.44
N ALA A 541 21.60 -19.30 -5.70
CA ALA A 541 21.75 -20.71 -6.08
C ALA A 541 22.88 -21.35 -5.30
N ARG A 542 23.98 -20.61 -5.08
CA ARG A 542 25.10 -21.14 -4.31
C ARG A 542 24.68 -21.49 -2.90
N VAL A 543 23.96 -20.58 -2.23
CA VAL A 543 23.61 -20.81 -0.83
C VAL A 543 22.54 -21.89 -0.70
N ASN A 544 21.64 -21.99 -1.69
CA ASN A 544 20.65 -23.07 -1.62
C ASN A 544 21.30 -24.43 -1.88
N LEU A 545 22.27 -24.49 -2.81
CA LEU A 545 23.02 -25.72 -3.00
C LEU A 545 23.79 -26.08 -1.74
N ALA A 546 24.33 -25.08 -1.04
CA ALA A 546 25.04 -25.34 0.21
C ALA A 546 24.10 -25.89 1.27
N ARG A 547 22.93 -25.28 1.43
CA ARG A 547 21.96 -25.76 2.41
C ARG A 547 21.46 -27.16 2.04
N ALA A 548 21.47 -27.50 0.76
CA ALA A 548 21.03 -28.82 0.35
C ALA A 548 22.10 -29.87 0.63
N VAL A 549 23.36 -29.57 0.28
CA VAL A 549 24.43 -30.55 0.46
C VAL A 549 25.02 -30.52 1.87
N TYR A 550 24.52 -29.66 2.76
CA TYR A 550 25.04 -29.63 4.12
C TYR A 550 24.53 -30.81 4.94
N GLN A 551 23.38 -31.38 4.57
CA GLN A 551 22.78 -32.43 5.38
C GLN A 551 23.53 -33.75 5.23
N ASP A 552 24.16 -33.98 4.08
CA ASP A 552 24.85 -35.23 3.77
C ASP A 552 23.91 -36.43 3.90
N ALA A 553 22.83 -36.40 3.12
CA ALA A 553 21.90 -37.51 3.07
C ALA A 553 22.44 -38.59 2.14
N ASP A 554 21.62 -39.61 1.87
CA ASP A 554 22.05 -40.70 1.00
C ASP A 554 21.56 -40.51 -0.44
N ILE A 555 20.27 -40.24 -0.62
CA ILE A 555 19.73 -39.94 -1.93
C ILE A 555 19.66 -38.42 -2.10
N TYR A 556 20.13 -37.94 -3.25
CA TYR A 556 20.16 -36.52 -3.56
C TYR A 556 19.54 -36.28 -4.92
N LEU A 557 18.49 -35.46 -4.97
CA LEU A 557 17.79 -35.13 -6.22
C LEU A 557 17.77 -33.61 -6.37
N LEU A 558 18.52 -33.10 -7.33
CA LEU A 558 18.59 -31.68 -7.64
C LEU A 558 18.16 -31.45 -9.08
N ASP A 559 17.65 -30.25 -9.35
CA ASP A 559 17.13 -29.88 -10.66
C ASP A 559 17.83 -28.62 -11.14
N ASP A 560 18.99 -28.80 -11.77
CA ASP A 560 19.76 -27.75 -12.44
C ASP A 560 19.94 -26.51 -11.55
N PRO A 561 20.79 -26.59 -10.52
CA PRO A 561 21.02 -25.41 -9.67
C PRO A 561 22.00 -24.41 -10.26
N LEU A 562 22.48 -24.64 -11.48
CA LEU A 562 23.46 -23.78 -12.12
C LEU A 562 22.88 -22.96 -13.27
N SER A 563 21.56 -22.77 -13.26
CA SER A 563 20.88 -22.05 -14.34
C SER A 563 21.19 -20.55 -14.32
N ALA A 564 21.39 -19.96 -13.13
CA ALA A 564 21.64 -18.54 -12.99
C ALA A 564 23.07 -18.22 -12.59
N VAL A 565 24.02 -19.06 -13.01
CA VAL A 565 25.43 -18.87 -12.69
C VAL A 565 26.24 -19.10 -13.97
N ASP A 566 27.43 -18.51 -14.02
CA ASP A 566 28.32 -18.67 -15.16
C ASP A 566 28.69 -20.14 -15.36
N ALA A 567 29.07 -20.47 -16.59
CA ALA A 567 29.31 -21.85 -17.01
C ALA A 567 30.58 -22.46 -16.40
N GLU A 568 31.72 -21.79 -16.56
CA GLU A 568 32.98 -22.38 -16.11
C GLU A 568 33.03 -22.50 -14.59
N VAL A 569 32.47 -21.51 -13.88
CA VAL A 569 32.44 -21.60 -12.43
C VAL A 569 31.51 -22.71 -11.97
N SER A 570 30.41 -22.93 -12.70
CA SER A 570 29.52 -24.04 -12.37
C SER A 570 30.21 -25.38 -12.60
N ARG A 571 30.99 -25.48 -13.68
CA ARG A 571 31.75 -26.70 -13.92
C ARG A 571 32.79 -26.94 -12.84
N HIS A 572 33.48 -25.89 -12.41
CA HIS A 572 34.44 -26.01 -11.32
C HIS A 572 33.76 -26.45 -10.03
N LEU A 573 32.61 -25.85 -9.73
CA LEU A 573 31.87 -26.21 -8.53
C LEU A 573 31.41 -27.67 -8.59
N PHE A 574 30.98 -28.13 -9.76
CA PHE A 574 30.67 -29.53 -9.97
C PHE A 574 31.88 -30.41 -9.65
N GLU A 575 33.04 -30.06 -10.22
CA GLU A 575 34.25 -30.85 -10.01
C GLU A 575 34.71 -30.84 -8.56
N LEU A 576 34.36 -29.81 -7.79
CA LEU A 576 34.76 -29.81 -6.39
C LEU A 576 33.73 -30.47 -5.48
N CYS A 577 32.46 -30.51 -5.90
CA CYS A 577 31.40 -31.04 -5.05
C CYS A 577 31.03 -32.49 -5.33
N ILE A 578 30.73 -32.81 -6.59
CA ILE A 578 30.11 -34.10 -6.91
C ILE A 578 31.07 -35.25 -6.60
N CYS A 579 32.28 -35.18 -7.13
CA CYS A 579 33.24 -36.27 -6.97
C CYS A 579 34.00 -36.20 -5.64
N GLN A 580 33.55 -35.36 -4.70
CA GLN A 580 34.22 -35.24 -3.40
C GLN A 580 33.29 -35.50 -2.23
N ILE A 581 32.05 -34.99 -2.28
CA ILE A 581 31.10 -35.16 -1.20
C ILE A 581 29.98 -36.11 -1.60
N LEU A 582 29.39 -35.92 -2.78
CA LEU A 582 28.32 -36.77 -3.27
C LEU A 582 28.83 -37.93 -4.12
N HIS A 583 30.12 -38.24 -4.04
CA HIS A 583 30.67 -39.33 -4.84
C HIS A 583 30.28 -40.69 -4.27
N GLU A 584 29.93 -40.75 -2.99
CA GLU A 584 29.43 -41.97 -2.37
C GLU A 584 27.94 -41.90 -2.04
N LYS A 585 27.23 -40.92 -2.61
CA LYS A 585 25.81 -40.73 -2.35
C LYS A 585 25.00 -41.07 -3.60
N ILE A 586 23.71 -41.31 -3.39
CA ILE A 586 22.79 -41.60 -4.48
C ILE A 586 22.37 -40.28 -5.11
N THR A 587 22.80 -40.05 -6.36
CA THR A 587 22.56 -38.79 -7.04
C THR A 587 21.85 -39.06 -8.36
N ILE A 588 20.64 -38.53 -8.50
CA ILE A 588 19.93 -38.53 -9.78
C ILE A 588 19.78 -37.09 -10.23
N LEU A 589 20.64 -36.67 -11.16
CA LEU A 589 20.70 -35.28 -11.61
C LEU A 589 19.96 -35.13 -12.93
N VAL A 590 19.43 -33.93 -13.15
CA VAL A 590 18.77 -33.58 -14.41
C VAL A 590 19.68 -32.64 -15.18
N THR A 591 20.08 -33.03 -16.38
CA THR A 591 21.02 -32.29 -17.20
C THR A 591 20.29 -31.60 -18.35
N HIS A 592 21.04 -30.81 -19.11
CA HIS A 592 20.48 -30.02 -20.20
C HIS A 592 20.95 -30.52 -21.56
N GLN A 593 22.27 -30.61 -21.75
CA GLN A 593 22.85 -31.02 -23.02
C GLN A 593 24.19 -31.68 -22.71
N LEU A 594 24.93 -32.07 -23.75
CA LEU A 594 26.11 -32.91 -23.62
C LEU A 594 27.23 -32.27 -22.79
N GLN A 595 27.05 -31.05 -22.30
CA GLN A 595 28.09 -30.43 -21.50
C GLN A 595 28.24 -31.09 -20.14
N TYR A 596 27.28 -31.92 -19.75
CA TYR A 596 27.29 -32.61 -18.47
C TYR A 596 27.00 -34.10 -18.62
N LEU A 597 27.56 -34.72 -19.66
CA LEU A 597 27.45 -36.16 -19.90
C LEU A 597 28.82 -36.81 -19.95
N LYS A 598 29.71 -36.44 -19.03
CA LYS A 598 31.05 -37.01 -18.96
C LYS A 598 31.21 -37.98 -17.80
N ALA A 599 30.88 -37.56 -16.58
CA ALA A 599 30.98 -38.43 -15.41
C ALA A 599 29.68 -39.14 -15.09
N ALA A 600 28.67 -39.04 -15.94
CA ALA A 600 27.37 -39.68 -15.69
C ALA A 600 27.46 -41.14 -16.10
N SER A 601 27.13 -42.05 -15.18
CA SER A 601 27.17 -43.48 -15.45
C SER A 601 25.88 -43.99 -16.09
N GLN A 602 24.73 -43.49 -15.68
CA GLN A 602 23.46 -43.91 -16.24
C GLN A 602 22.68 -42.67 -16.67
N ILE A 603 21.95 -42.82 -17.77
CA ILE A 603 21.15 -41.72 -18.34
C ILE A 603 19.75 -42.23 -18.62
N LEU A 604 18.75 -41.42 -18.27
CA LEU A 604 17.35 -41.73 -18.51
C LEU A 604 16.73 -40.61 -19.33
N ILE A 605 16.00 -40.98 -20.38
CA ILE A 605 15.34 -40.02 -21.25
C ILE A 605 13.83 -40.28 -21.19
N LEU A 606 13.05 -39.21 -21.28
CA LEU A 606 11.60 -39.30 -21.22
C LEU A 606 11.01 -38.91 -22.57
N LYS A 607 10.16 -39.80 -23.11
CA LYS A 607 9.49 -39.56 -24.39
C LYS A 607 8.00 -39.78 -24.18
N ASP A 608 7.22 -38.71 -24.38
CA ASP A 608 5.77 -38.67 -24.24
C ASP A 608 5.25 -39.48 -23.05
N GLY A 609 5.96 -39.40 -21.92
CA GLY A 609 5.49 -40.00 -20.68
C GLY A 609 6.01 -41.40 -20.40
N LYS A 610 6.97 -41.91 -21.15
CA LYS A 610 7.48 -43.24 -20.92
C LYS A 610 8.88 -43.35 -21.52
N MET A 611 9.64 -44.32 -21.03
CA MET A 611 10.97 -44.62 -21.54
C MET A 611 10.95 -45.93 -22.33
N VAL A 612 12.06 -46.20 -23.01
CA VAL A 612 12.20 -47.40 -23.82
C VAL A 612 13.18 -48.39 -23.20
N GLN A 613 14.28 -47.89 -22.65
CA GLN A 613 15.29 -48.75 -22.06
C GLN A 613 16.20 -47.92 -21.16
N LYS A 614 16.91 -48.59 -20.27
CA LYS A 614 17.88 -47.95 -19.38
C LYS A 614 19.23 -48.65 -19.52
N GLY A 615 20.28 -47.85 -19.63
CA GLY A 615 21.61 -48.40 -19.79
C GLY A 615 22.67 -47.33 -19.64
N THR A 616 23.91 -47.75 -19.87
CA THR A 616 25.05 -46.86 -19.76
C THR A 616 25.04 -45.83 -20.90
N TYR A 617 25.58 -44.64 -20.61
CA TYR A 617 25.71 -43.60 -21.63
C TYR A 617 26.40 -44.13 -22.88
N THR A 618 27.30 -45.10 -22.72
CA THR A 618 27.95 -45.72 -23.87
C THR A 618 26.93 -46.47 -24.72
N GLU A 619 26.08 -47.28 -24.10
CA GLU A 619 25.09 -48.05 -24.86
C GLU A 619 24.09 -47.14 -25.54
N PHE A 620 23.83 -45.97 -24.96
CA PHE A 620 22.89 -45.03 -25.57
C PHE A 620 23.55 -44.22 -26.68
N LEU A 621 24.86 -44.00 -26.59
CA LEU A 621 25.55 -43.24 -27.62
C LEU A 621 25.82 -44.10 -28.85
N LYS A 622 26.30 -45.33 -28.64
CA LYS A 622 26.61 -46.19 -29.79
C LYS A 622 25.36 -46.65 -30.52
N SER A 623 24.18 -46.43 -29.94
CA SER A 623 22.93 -46.80 -30.61
C SER A 623 22.51 -45.82 -31.68
N GLY A 624 23.12 -44.63 -31.72
CA GLY A 624 22.76 -43.65 -32.73
C GLY A 624 21.70 -42.65 -32.31
N ILE A 625 21.65 -42.28 -31.04
CA ILE A 625 20.66 -41.33 -30.53
C ILE A 625 21.30 -39.95 -30.48
N ASP A 626 20.63 -38.97 -31.07
CA ASP A 626 21.10 -37.58 -31.08
C ASP A 626 20.07 -36.71 -30.38
N PHE A 627 20.51 -35.95 -29.39
CA PHE A 627 19.64 -35.07 -28.61
C PHE A 627 19.39 -33.73 -29.30
N GLY A 628 19.86 -33.56 -30.53
CA GLY A 628 19.59 -32.33 -31.25
C GLY A 628 18.11 -32.15 -31.57
N SER A 629 17.41 -33.27 -31.80
CA SER A 629 15.97 -33.19 -32.01
C SER A 629 15.25 -32.76 -30.74
N LEU A 630 15.76 -33.17 -29.58
CA LEU A 630 15.17 -32.73 -28.31
C LEU A 630 15.45 -31.26 -28.06
N LEU A 631 16.68 -30.83 -28.30
CA LEU A 631 17.03 -29.42 -28.18
C LEU A 631 17.28 -28.79 -29.55
N GLU A 689 11.81 9.15 2.27
CA GLU A 689 11.99 8.32 3.45
C GLU A 689 12.32 9.16 4.67
N ASN A 690 13.03 10.27 4.45
CA ASN A 690 13.43 11.17 5.53
C ASN A 690 12.27 12.12 5.82
N ARG A 691 11.29 11.61 6.57
CA ARG A 691 10.12 12.40 6.93
C ARG A 691 10.48 13.42 8.00
N SER A 692 9.77 14.55 7.96
CA SER A 692 10.00 15.62 8.92
C SER A 692 9.58 15.18 10.32
N GLU A 693 10.54 14.99 11.22
CA GLU A 693 10.26 14.56 12.57
C GLU A 693 9.77 15.74 13.40
N GLY A 694 8.52 15.65 13.88
CA GLY A 694 7.91 16.70 14.68
C GLY A 694 6.66 17.25 14.02
N LYS A 695 6.33 18.49 14.38
CA LYS A 695 5.16 19.15 13.84
C LYS A 695 5.45 19.78 12.49
N VAL A 696 4.48 19.69 11.58
CA VAL A 696 4.64 20.27 10.25
C VAL A 696 4.60 21.79 10.35
N GLY A 697 5.44 22.46 9.57
CA GLY A 697 5.49 23.90 9.60
C GLY A 697 4.21 24.53 9.07
N PHE A 698 4.02 25.80 9.45
CA PHE A 698 2.82 26.52 9.05
C PHE A 698 2.82 26.91 7.57
N GLN A 699 3.98 26.82 6.91
CA GLN A 699 4.04 27.15 5.49
C GLN A 699 3.20 26.20 4.65
N ALA A 700 3.23 24.91 4.99
CA ALA A 700 2.42 23.94 4.26
C ALA A 700 0.93 24.22 4.42
N TYR A 701 0.50 24.52 5.66
CA TYR A 701 -0.89 24.85 5.89
C TYR A 701 -1.30 26.11 5.14
N LYS A 702 -0.43 27.13 5.15
CA LYS A 702 -0.73 28.37 4.45
C LYS A 702 -0.86 28.14 2.95
N ASN A 703 0.05 27.35 2.38
CA ASN A 703 -0.02 27.07 0.94
C ASN A 703 -1.27 26.25 0.60
N TYR A 704 -1.61 25.27 1.45
CA TYR A 704 -2.79 24.45 1.18
C TYR A 704 -4.08 25.27 1.32
N PHE A 705 -4.08 26.28 2.19
CA PHE A 705 -5.27 27.11 2.35
C PHE A 705 -5.36 28.19 1.28
N ARG A 706 -4.22 28.64 0.75
CA ARG A 706 -4.22 29.68 -0.27
C ARG A 706 -4.32 29.13 -1.69
N ALA A 707 -4.04 27.84 -1.89
CA ALA A 707 -4.08 27.27 -3.22
C ALA A 707 -5.51 27.12 -3.75
N GLY A 708 -6.48 26.91 -2.86
CA GLY A 708 -7.85 26.70 -3.29
C GLY A 708 -8.81 27.77 -2.84
N ALA A 709 -8.37 28.65 -1.94
CA ALA A 709 -9.22 29.71 -1.43
C ALA A 709 -8.39 30.96 -1.22
N HIS A 710 -9.05 32.11 -1.32
CA HIS A 710 -8.40 33.40 -1.11
C HIS A 710 -8.53 33.83 0.34
N TRP A 711 -8.01 35.02 0.65
CA TRP A 711 -8.13 35.54 2.01
C TRP A 711 -9.57 35.88 2.34
N ILE A 712 -10.31 36.43 1.37
CA ILE A 712 -11.72 36.75 1.60
C ILE A 712 -12.52 35.48 1.83
N VAL A 713 -12.22 34.42 1.08
CA VAL A 713 -12.93 33.15 1.24
C VAL A 713 -12.64 32.56 2.62
N PHE A 714 -11.39 32.65 3.07
CA PHE A 714 -11.05 32.15 4.40
C PHE A 714 -11.73 32.95 5.49
N ILE A 715 -11.79 34.28 5.33
CA ILE A 715 -12.47 35.12 6.31
C ILE A 715 -13.96 34.77 6.35
N PHE A 716 -14.57 34.57 5.18
CA PHE A 716 -15.98 34.21 5.14
C PHE A 716 -16.23 32.86 5.79
N LEU A 717 -15.34 31.88 5.56
CA LEU A 717 -15.50 30.57 6.18
C LEU A 717 -15.36 30.67 7.70
N ILE A 718 -14.38 31.43 8.17
CA ILE A 718 -14.20 31.60 9.62
C ILE A 718 -15.42 32.27 10.23
N LEU A 719 -15.94 33.31 9.56
CA LEU A 719 -17.12 34.00 10.08
C LEU A 719 -18.34 33.09 10.09
N LEU A 720 -18.48 32.24 9.07
CA LEU A 720 -19.61 31.32 9.02
C LEU A 720 -19.52 30.29 10.13
N ASN A 721 -18.32 29.74 10.37
CA ASN A 721 -18.15 28.78 11.46
C ASN A 721 -18.42 29.44 12.81
N THR A 722 -17.93 30.68 12.99
CA THR A 722 -18.17 31.39 14.24
C THR A 722 -19.66 31.65 14.45
N ALA A 723 -20.37 32.05 13.40
CA ALA A 723 -21.79 32.29 13.51
C ALA A 723 -22.55 31.00 13.81
N ALA A 724 -22.12 29.88 13.20
CA ALA A 724 -22.76 28.61 13.48
C ALA A 724 -22.57 28.21 14.95
N GLN A 725 -21.35 28.36 15.47
CA GLN A 725 -21.11 28.04 16.87
C GLN A 725 -21.88 28.97 17.80
N VAL A 726 -21.96 30.26 17.44
CA VAL A 726 -22.69 31.21 18.26
C VAL A 726 -24.18 30.86 18.28
N ALA A 727 -24.73 30.46 17.14
CA ALA A 727 -26.14 30.05 17.11
C ALA A 727 -26.36 28.77 17.90
N TYR A 728 -25.43 27.82 17.81
CA TYR A 728 -25.55 26.57 18.57
C TYR A 728 -25.50 26.85 20.07
N VAL A 729 -24.74 27.85 20.49
CA VAL A 729 -24.68 28.21 21.90
C VAL A 729 -25.95 28.95 22.32
N LEU A 730 -26.37 29.92 21.51
CA LEU A 730 -27.54 30.73 21.85
C LEU A 730 -28.82 29.91 21.84
N GLN A 731 -28.85 28.79 21.12
CA GLN A 731 -30.00 27.89 21.19
C GLN A 731 -30.23 27.44 22.63
N ASP A 732 -29.23 26.79 23.23
CA ASP A 732 -29.35 26.35 24.62
C ASP A 732 -29.45 27.54 25.57
N TRP A 733 -28.82 28.66 25.22
CA TRP A 733 -28.93 29.85 26.07
C TRP A 733 -30.37 30.32 26.17
N TRP A 734 -31.04 30.47 25.03
CA TRP A 734 -32.45 30.88 25.02
C TRP A 734 -33.34 29.80 25.61
N LEU A 735 -32.97 28.52 25.46
CA LEU A 735 -33.74 27.46 26.11
C LEU A 735 -33.71 27.61 27.63
N SER A 736 -32.52 27.80 28.19
CA SER A 736 -32.39 27.99 29.63
C SER A 736 -33.08 29.29 30.07
N TYR A 737 -33.01 30.34 29.24
CA TYR A 737 -33.67 31.59 29.58
C TYR A 737 -35.17 31.42 29.63
N TRP A 738 -35.74 30.68 28.67
CA TRP A 738 -37.18 30.42 28.68
C TRP A 738 -37.57 29.55 29.87
N ALA A 739 -36.73 28.58 30.22
CA ALA A 739 -37.00 27.76 31.40
C ALA A 739 -37.02 28.62 32.66
N ASN A 740 -36.05 29.53 32.80
CA ASN A 740 -36.01 30.41 33.97
C ASN A 740 -37.20 31.35 33.99
N LYS A 741 -37.61 31.86 32.82
CA LYS A 741 -38.77 32.74 32.76
C LYS A 741 -40.04 32.01 33.14
N GLN A 742 -40.19 30.76 32.69
CA GLN A 742 -41.36 29.97 33.08
C GLN A 742 -41.35 29.67 34.57
N SER A 743 -40.19 29.36 35.14
CA SER A 743 -40.10 29.14 36.57
C SER A 743 -40.47 30.40 37.35
N MET A 744 -40.00 31.56 36.88
CA MET A 744 -40.35 32.81 37.54
C MET A 744 -41.85 33.10 37.44
N LEU A 745 -42.44 32.86 36.27
CA LEU A 745 -43.88 33.05 36.11
C LEU A 745 -44.65 32.13 37.05
N ASN A 746 -44.20 30.87 37.18
CA ASN A 746 -44.87 29.93 38.07
C ASN A 746 -44.77 30.37 39.53
N VAL A 747 -43.56 30.77 39.96
CA VAL A 747 -43.39 31.14 41.36
C VAL A 747 -44.08 32.46 41.66
N THR A 748 -44.33 33.29 40.65
CA THR A 748 -45.07 34.52 40.88
C THR A 748 -46.58 34.32 40.84
N VAL A 749 -47.05 33.34 40.06
CA VAL A 749 -48.49 33.08 40.02
C VAL A 749 -48.92 32.20 41.18
N ASN A 750 -47.99 31.45 41.77
CA ASN A 750 -48.28 30.66 42.96
C ASN A 750 -47.84 31.33 44.25
N GLY A 751 -47.00 32.36 44.17
CA GLY A 751 -46.53 33.05 45.36
C GLY A 751 -47.39 34.24 45.75
N GLY A 752 -48.66 33.99 46.04
CA GLY A 752 -49.55 35.05 46.44
C GLY A 752 -49.93 36.01 45.34
N GLY A 753 -50.14 35.50 44.12
CA GLY A 753 -50.50 36.34 42.99
C GLY A 753 -51.87 35.94 42.44
N ASN A 754 -52.74 36.93 42.28
CA ASN A 754 -54.08 36.71 41.76
C ASN A 754 -54.17 36.88 40.25
N VAL A 755 -53.64 37.97 39.71
CA VAL A 755 -53.65 38.19 38.27
C VAL A 755 -52.59 37.29 37.63
N THR A 756 -53.02 36.49 36.66
CA THR A 756 -52.13 35.57 35.95
C THR A 756 -51.82 36.18 34.58
N GLU A 757 -50.61 35.94 34.09
CA GLU A 757 -50.16 36.41 32.79
C GLU A 757 -49.47 35.25 32.08
N LYS A 758 -50.23 34.50 31.30
CA LYS A 758 -49.67 33.38 30.55
C LYS A 758 -48.72 33.90 29.47
N LEU A 759 -47.50 33.39 29.48
CA LEU A 759 -46.50 33.82 28.51
C LEU A 759 -46.94 33.43 27.09
N ASP A 760 -46.74 34.34 26.15
CA ASP A 760 -47.11 34.10 24.77
C ASP A 760 -46.28 32.98 24.18
N LEU A 761 -46.89 31.81 23.98
CA LEU A 761 -46.15 30.64 23.50
C LEU A 761 -45.77 30.76 22.03
N ASN A 762 -46.57 31.46 21.23
CA ASN A 762 -46.26 31.56 19.80
C ASN A 762 -44.97 32.32 19.57
N TRP A 763 -44.73 33.38 20.34
CA TRP A 763 -43.52 34.17 20.19
C TRP A 763 -42.27 33.37 20.53
N TYR A 764 -42.30 32.66 21.66
CA TYR A 764 -41.17 31.83 22.06
C TYR A 764 -40.94 30.69 21.07
N LEU A 765 -42.03 30.07 20.61
CA LEU A 765 -41.89 28.98 19.65
C LEU A 765 -41.32 29.48 18.33
N GLY A 766 -41.73 30.67 17.90
CA GLY A 766 -41.17 31.24 16.68
C GLY A 766 -39.70 31.55 16.81
N ILE A 767 -39.30 32.12 17.96
CA ILE A 767 -37.88 32.39 18.19
C ILE A 767 -37.08 31.10 18.20
N TYR A 768 -37.62 30.05 18.85
CA TYR A 768 -36.91 28.78 18.92
C TYR A 768 -36.76 28.15 17.54
N SER A 769 -37.83 28.14 16.75
CA SER A 769 -37.76 27.58 15.41
C SER A 769 -36.82 28.39 14.52
N GLY A 770 -36.83 29.71 14.66
CA GLY A 770 -35.91 30.53 13.89
C GLY A 770 -34.46 30.25 14.23
N LEU A 771 -34.15 30.16 15.52
CA LEU A 771 -32.78 29.84 15.93
C LEU A 771 -32.38 28.45 15.44
N THR A 772 -33.31 27.49 15.49
CA THR A 772 -32.99 26.14 15.03
C THR A 772 -32.69 26.11 13.54
N VAL A 773 -33.56 26.71 12.73
CA VAL A 773 -33.33 26.70 11.28
C VAL A 773 -32.10 27.51 10.94
N ALA A 774 -31.81 28.57 11.72
CA ALA A 774 -30.64 29.38 11.47
C ALA A 774 -29.36 28.59 11.72
N THR A 775 -29.28 27.90 12.86
CA THR A 775 -28.07 27.13 13.15
C THR A 775 -27.94 25.94 12.20
N VAL A 776 -29.07 25.36 11.77
CA VAL A 776 -29.00 24.25 10.83
C VAL A 776 -28.46 24.73 9.48
N LEU A 777 -29.00 25.85 8.98
CA LEU A 777 -28.52 26.40 7.71
C LEU A 777 -27.06 26.82 7.82
N PHE A 778 -26.66 27.39 8.97
CA PHE A 778 -25.27 27.79 9.14
C PHE A 778 -24.34 26.59 9.12
N GLY A 779 -24.71 25.51 9.82
CA GLY A 779 -23.89 24.31 9.79
C GLY A 779 -23.79 23.71 8.41
N ILE A 780 -24.92 23.63 7.70
CA ILE A 780 -24.92 23.07 6.34
C ILE A 780 -24.03 23.91 5.43
N ALA A 781 -24.17 25.23 5.50
CA ALA A 781 -23.41 26.11 4.63
C ALA A 781 -21.92 26.05 4.94
N ARG A 782 -21.55 26.01 6.23
CA ARG A 782 -20.14 25.95 6.58
C ARG A 782 -19.53 24.62 6.19
N SER A 783 -20.29 23.53 6.32
CA SER A 783 -19.78 22.22 5.90
C SER A 783 -19.57 22.19 4.39
N LEU A 784 -20.56 22.69 3.64
CA LEU A 784 -20.43 22.72 2.18
C LEU A 784 -19.27 23.59 1.75
N LEU A 785 -19.09 24.74 2.40
CA LEU A 785 -17.98 25.63 2.05
C LEU A 785 -16.64 24.99 2.37
N VAL A 786 -16.53 24.33 3.52
CA VAL A 786 -15.29 23.65 3.87
C VAL A 786 -14.96 22.57 2.86
N PHE A 787 -15.94 21.74 2.51
CA PHE A 787 -15.72 20.67 1.54
C PHE A 787 -15.33 21.23 0.18
N TYR A 788 -16.00 22.29 -0.27
CA TYR A 788 -15.68 22.88 -1.56
C TYR A 788 -14.29 23.47 -1.58
N VAL A 789 -13.91 24.19 -0.50
CA VAL A 789 -12.58 24.78 -0.43
C VAL A 789 -11.51 23.71 -0.43
N LEU A 790 -11.72 22.63 0.32
CA LEU A 790 -10.71 21.57 0.39
C LEU A 790 -10.59 20.83 -0.93
N VAL A 791 -11.72 20.59 -1.61
CA VAL A 791 -11.68 19.93 -2.91
C VAL A 791 -10.98 20.81 -3.94
N ASN A 792 -11.27 22.11 -3.91
CA ASN A 792 -10.61 23.03 -4.84
C ASN A 792 -9.11 23.10 -4.57
N SER A 793 -8.72 23.09 -3.29
CA SER A 793 -7.30 23.12 -2.96
C SER A 793 -6.61 21.85 -3.43
N SER A 794 -7.24 20.69 -3.23
CA SER A 794 -6.65 19.44 -3.70
C SER A 794 -6.52 19.43 -5.22
N GLN A 795 -7.56 19.91 -5.92
CA GLN A 795 -7.50 19.94 -7.38
C GLN A 795 -6.42 20.89 -7.88
N THR A 796 -6.29 22.06 -7.25
CA THR A 796 -5.25 23.00 -7.65
C THR A 796 -3.86 22.43 -7.38
N LEU A 797 -3.69 21.75 -6.25
CA LEU A 797 -2.40 21.14 -5.94
C LEU A 797 -2.06 20.05 -6.96
N HIS A 798 -3.05 19.22 -7.32
CA HIS A 798 -2.80 18.17 -8.31
C HIS A 798 -2.45 18.77 -9.67
N ASN A 799 -3.17 19.82 -10.07
CA ASN A 799 -2.90 20.46 -11.36
C ASN A 799 -1.51 21.08 -11.37
N LYS A 800 -1.13 21.75 -10.28
CA LYS A 800 0.20 22.34 -10.19
C LYS A 800 1.29 21.28 -10.21
N MET A 801 1.08 20.17 -9.50
CA MET A 801 2.06 19.10 -9.52
C MET A 801 2.20 18.51 -10.92
N PHE A 802 1.08 18.33 -11.62
CA PHE A 802 1.13 17.80 -12.98
C PHE A 802 1.87 18.76 -13.90
N GLU A 803 1.58 20.06 -13.81
CA GLU A 803 2.24 21.04 -14.66
C GLU A 803 3.72 21.19 -14.33
N SER A 804 4.12 20.94 -13.08
CA SER A 804 5.52 21.02 -12.71
C SER A 804 6.30 19.77 -13.11
N ILE A 805 5.66 18.59 -13.04
CA ILE A 805 6.35 17.37 -13.41
C ILE A 805 6.42 17.23 -14.94
N LEU A 806 5.39 17.71 -15.65
CA LEU A 806 5.41 17.63 -17.11
C LEU A 806 6.54 18.45 -17.71
N LYS A 807 6.87 19.58 -17.10
CA LYS A 807 7.95 20.44 -17.57
C LYS A 807 9.27 20.16 -16.86
N ALA A 808 9.33 19.14 -16.00
CA ALA A 808 10.54 18.81 -15.29
C ALA A 808 11.51 18.06 -16.21
N PRO A 809 12.81 18.26 -16.03
CA PRO A 809 13.79 17.54 -16.86
C PRO A 809 13.80 16.05 -16.55
N VAL A 810 14.54 15.31 -17.38
CA VAL A 810 14.60 13.86 -17.22
C VAL A 810 15.49 13.46 -16.05
N LEU A 811 16.24 14.39 -15.48
CA LEU A 811 17.06 14.07 -14.31
C LEU A 811 16.19 13.70 -13.11
N PHE A 812 15.04 14.36 -12.98
CA PHE A 812 14.13 14.04 -11.88
C PHE A 812 13.56 12.62 -12.02
N PHE A 813 13.29 12.21 -13.26
CA PHE A 813 12.79 10.85 -13.50
C PHE A 813 13.91 9.82 -13.42
N ASP A 814 15.15 10.23 -13.66
CA ASP A 814 16.27 9.29 -13.57
C ASP A 814 16.68 9.05 -12.12
N ARG A 815 16.73 10.11 -11.32
CA ARG A 815 17.10 9.96 -9.91
C ARG A 815 16.00 9.24 -9.13
N ASN A 816 14.78 9.75 -9.19
CA ASN A 816 13.65 9.13 -8.51
C ASN A 816 13.04 8.04 -9.40
N PRO A 817 13.00 6.79 -8.94
CA PRO A 817 12.48 5.71 -9.78
C PRO A 817 10.98 5.87 -10.01
N ILE A 818 10.46 5.00 -10.89
CA ILE A 818 9.04 5.04 -11.23
C ILE A 818 8.17 4.66 -10.05
N GLY A 819 8.65 3.74 -9.20
CA GLY A 819 7.85 3.34 -8.05
C GLY A 819 7.59 4.47 -7.08
N ARG A 820 8.60 5.32 -6.86
CA ARG A 820 8.42 6.46 -5.97
C ARG A 820 7.38 7.43 -6.51
N ILE A 821 7.44 7.73 -7.81
CA ILE A 821 6.46 8.64 -8.41
C ILE A 821 5.07 8.03 -8.36
N LEU A 822 4.97 6.71 -8.58
CA LEU A 822 3.68 6.05 -8.50
C LEU A 822 3.11 6.13 -7.09
N ASN A 823 3.95 5.90 -6.08
CA ASN A 823 3.50 6.00 -4.70
C ASN A 823 3.04 7.41 -4.36
N ARG A 824 3.82 8.41 -4.79
CA ARG A 824 3.45 9.80 -4.50
C ARG A 824 2.18 10.21 -5.24
N PHE A 825 1.92 9.63 -6.41
CA PHE A 825 0.72 9.97 -7.16
C PHE A 825 -0.50 9.19 -6.67
N SER A 826 -0.30 8.06 -6.01
CA SER A 826 -1.42 7.24 -5.54
C SER A 826 -1.79 7.56 -4.09
N LYS A 827 -0.84 7.37 -3.17
CA LYS A 827 -1.15 7.46 -1.75
C LYS A 827 -1.56 8.86 -1.34
N ASP A 828 -0.77 9.87 -1.73
CA ASP A 828 -1.07 11.24 -1.35
C ASP A 828 -2.39 11.71 -1.95
N ILE A 829 -2.65 11.34 -3.21
CA ILE A 829 -3.89 11.75 -3.87
C ILE A 829 -5.09 11.10 -3.18
N GLY A 830 -5.00 9.79 -2.91
CA GLY A 830 -6.09 9.13 -2.22
C GLY A 830 -6.34 9.69 -0.83
N HIS A 831 -5.26 10.00 -0.11
CA HIS A 831 -5.41 10.62 1.21
C HIS A 831 -6.14 11.95 1.10
N LEU A 832 -5.59 12.87 0.29
CA LEU A 832 -6.19 14.20 0.14
C LEU A 832 -7.61 14.14 -0.41
N ASP A 833 -7.98 13.06 -1.11
CA ASP A 833 -9.31 12.97 -1.68
C ASP A 833 -10.34 12.36 -0.74
N ASP A 834 -9.93 11.40 0.09
CA ASP A 834 -10.87 10.69 0.96
C ASP A 834 -10.72 11.04 2.44
N LEU A 835 -9.51 10.95 2.98
CA LEU A 835 -9.35 11.03 4.43
C LEU A 835 -9.11 12.45 4.93
N LEU A 836 -8.49 13.31 4.13
CA LEU A 836 -8.16 14.66 4.61
C LEU A 836 -9.38 15.52 4.84
N PRO A 837 -10.32 15.68 3.90
CA PRO A 837 -11.43 16.62 4.14
C PRO A 837 -12.33 16.24 5.29
N LEU A 838 -12.75 14.98 5.36
CA LEU A 838 -13.67 14.55 6.42
C LEU A 838 -13.02 14.68 7.79
N THR A 839 -11.78 14.19 7.94
CA THR A 839 -11.09 14.29 9.22
C THR A 839 -10.84 15.74 9.60
N PHE A 840 -10.49 16.58 8.63
CA PHE A 840 -10.23 17.99 8.91
C PHE A 840 -11.50 18.69 9.39
N LEU A 841 -12.63 18.46 8.71
CA LEU A 841 -13.87 19.10 9.11
C LEU A 841 -14.36 18.57 10.45
N ASP A 842 -14.16 17.27 10.71
CA ASP A 842 -14.56 16.73 12.00
C ASP A 842 -13.73 17.32 13.13
N PHE A 843 -12.41 17.46 12.92
CA PHE A 843 -11.55 18.08 13.92
C PHE A 843 -11.94 19.54 14.15
N ILE A 844 -12.25 20.27 13.07
CA ILE A 844 -12.65 21.66 13.20
C ILE A 844 -13.94 21.78 13.99
N GLN A 845 -14.93 20.93 13.67
CA GLN A 845 -16.21 20.98 14.36
C GLN A 845 -16.05 20.63 15.84
N THR A 846 -15.24 19.61 16.14
CA THR A 846 -15.06 19.22 17.53
C THR A 846 -14.31 20.28 18.32
N LEU A 847 -13.31 20.91 17.70
CA LEU A 847 -12.59 22.01 18.36
C LEU A 847 -13.52 23.19 18.60
N LEU A 848 -14.39 23.49 17.64
CA LEU A 848 -15.35 24.58 17.83
C LEU A 848 -16.33 24.25 18.95
N GLN A 849 -16.77 22.99 19.04
CA GLN A 849 -17.65 22.59 20.13
C GLN A 849 -16.96 22.72 21.48
N VAL A 850 -15.69 22.31 21.56
CA VAL A 850 -14.96 22.42 22.82
C VAL A 850 -14.77 23.89 23.20
N VAL A 851 -14.47 24.73 22.21
CA VAL A 851 -14.29 26.15 22.48
C VAL A 851 -15.61 26.77 22.97
N GLY A 852 -16.73 26.38 22.35
CA GLY A 852 -18.01 26.89 22.80
C GLY A 852 -18.36 26.42 24.21
N VAL A 853 -18.04 25.17 24.53
CA VAL A 853 -18.28 24.66 25.87
C VAL A 853 -17.46 25.44 26.89
N VAL A 854 -16.18 25.67 26.58
CA VAL A 854 -15.33 26.42 27.49
C VAL A 854 -15.84 27.85 27.66
N SER A 855 -16.30 28.46 26.55
CA SER A 855 -16.83 29.82 26.63
C SER A 855 -18.07 29.89 27.48
N VAL A 856 -18.96 28.90 27.33
CA VAL A 856 -20.17 28.84 28.17
C VAL A 856 -19.79 28.67 29.63
N ALA A 857 -18.79 27.83 29.91
CA ALA A 857 -18.35 27.63 31.28
C ALA A 857 -17.82 28.91 31.90
N VAL A 858 -16.98 29.64 31.16
CA VAL A 858 -16.43 30.89 31.68
C VAL A 858 -17.51 31.94 31.82
N ALA A 859 -18.50 31.94 30.92
CA ALA A 859 -19.58 32.91 31.01
C ALA A 859 -20.47 32.65 32.21
N VAL A 860 -20.74 31.37 32.51
CA VAL A 860 -21.55 31.04 33.69
C VAL A 860 -20.78 31.36 34.97
N ILE A 861 -19.53 30.94 35.05
CA ILE A 861 -18.70 31.18 36.22
C ILE A 861 -17.41 31.87 35.79
N PRO A 862 -17.19 33.13 36.16
CA PRO A 862 -15.93 33.81 35.79
C PRO A 862 -14.71 33.27 36.51
N TRP A 863 -14.88 32.38 37.50
CA TRP A 863 -13.77 31.85 38.27
C TRP A 863 -13.14 30.61 37.66
N ILE A 864 -13.69 30.10 36.55
CA ILE A 864 -13.10 28.93 35.91
C ILE A 864 -11.89 29.31 35.06
N ALA A 865 -11.74 30.59 34.71
CA ALA A 865 -10.61 31.02 33.89
C ALA A 865 -9.29 30.98 34.65
N ILE A 866 -9.33 30.88 35.98
CA ILE A 866 -8.12 30.87 36.79
C ILE A 866 -7.39 29.53 36.67
N PRO A 867 -8.04 28.39 36.90
CA PRO A 867 -7.34 27.11 36.73
C PRO A 867 -7.21 26.63 35.30
N LEU A 868 -7.51 27.48 34.31
CA LEU A 868 -7.42 27.07 32.92
C LEU A 868 -5.98 27.03 32.42
N VAL A 869 -5.13 27.92 32.94
CA VAL A 869 -3.73 27.99 32.53
C VAL A 869 -2.97 26.74 32.96
N PRO A 870 -3.01 26.33 34.25
CA PRO A 870 -2.26 25.12 34.62
C PRO A 870 -2.81 23.86 33.96
N LEU A 871 -4.13 23.73 33.88
CA LEU A 871 -4.72 22.57 33.22
C LEU A 871 -4.32 22.50 31.75
N GLY A 872 -4.37 23.64 31.06
CA GLY A 872 -3.98 23.66 29.66
C GLY A 872 -2.50 23.36 29.45
N ILE A 873 -1.65 23.92 30.32
CA ILE A 873 -0.22 23.65 30.22
C ILE A 873 0.07 22.17 30.45
N ILE A 874 -0.58 21.58 31.47
CA ILE A 874 -0.39 20.16 31.74
C ILE A 874 -0.87 19.32 30.57
N PHE A 875 -2.01 19.70 29.97
CA PHE A 875 -2.53 18.95 28.84
C PHE A 875 -1.58 19.02 27.65
N ILE A 876 -1.04 20.20 27.36
CA ILE A 876 -0.14 20.35 26.22
C ILE A 876 1.14 19.54 26.45
N PHE A 877 1.72 19.66 27.65
CA PHE A 877 2.92 18.92 27.98
C PHE A 877 2.68 17.42 27.88
N LEU A 878 1.54 16.95 28.40
CA LEU A 878 1.23 15.52 28.35
C LEU A 878 1.01 15.04 26.93
N ARG A 879 0.35 15.85 26.09
CA ARG A 879 0.12 15.46 24.71
C ARG A 879 1.44 15.35 23.96
N ARG A 880 2.35 16.31 24.16
CA ARG A 880 3.65 16.24 23.51
C ARG A 880 4.44 15.04 24.01
N TYR A 881 4.43 14.81 25.33
CA TYR A 881 5.16 13.70 25.93
C TYR A 881 4.63 12.35 25.44
N PHE A 882 3.32 12.26 25.18
CA PHE A 882 2.75 11.02 24.68
C PHE A 882 3.03 10.83 23.19
N LEU A 883 2.93 11.91 22.40
CA LEU A 883 3.15 11.79 20.96
C LEU A 883 4.59 11.47 20.64
N GLU A 884 5.53 12.01 21.43
CA GLU A 884 6.95 11.75 21.18
C GLU A 884 7.27 10.26 21.24
N THR A 885 6.52 9.50 22.05
CA THR A 885 6.69 8.06 22.11
C THR A 885 5.78 7.32 21.15
N SER A 886 4.55 7.83 20.95
CA SER A 886 3.59 7.17 20.08
C SER A 886 4.06 7.15 18.63
N ARG A 887 4.75 8.20 18.20
CA ARG A 887 5.28 8.21 16.82
C ARG A 887 6.27 7.07 16.62
N ASP A 888 7.22 6.92 17.55
CA ASP A 888 8.20 5.85 17.44
C ASP A 888 7.55 4.48 17.56
N VAL A 889 6.54 4.35 18.42
CA VAL A 889 5.85 3.08 18.60
C VAL A 889 5.12 2.69 17.31
N LYS A 890 4.45 3.66 16.69
CA LYS A 890 3.76 3.39 15.43
C LYS A 890 4.74 3.05 14.32
N ARG A 891 5.90 3.74 14.29
CA ARG A 891 6.91 3.42 13.29
C ARG A 891 7.44 2.00 13.48
N LEU A 892 7.67 1.60 14.74
CA LEU A 892 8.14 0.25 15.00
C LEU A 892 7.09 -0.79 14.62
N GLU A 893 5.82 -0.52 14.91
CA GLU A 893 4.76 -1.44 14.53
C GLU A 893 4.67 -1.57 13.01
N SER A 894 4.79 -0.46 12.30
CA SER A 894 4.71 -0.50 10.84
C SER A 894 5.89 -1.23 10.23
N THR A 895 7.08 -1.06 10.82
CA THR A 895 8.26 -1.73 10.29
C THR A 895 8.36 -3.18 10.72
N THR A 896 7.60 -3.59 11.73
CA THR A 896 7.59 -4.99 12.16
C THR A 896 6.42 -5.78 11.61
N ARG A 897 5.37 -5.12 11.13
CA ARG A 897 4.23 -5.85 10.58
C ARG A 897 4.57 -6.50 9.24
N SER A 898 5.38 -5.84 8.41
CA SER A 898 5.65 -6.37 7.07
C SER A 898 6.56 -7.60 7.07
N PRO A 899 7.58 -7.72 7.93
CA PRO A 899 8.40 -8.94 7.91
C PRO A 899 7.60 -10.22 8.17
N VAL A 900 6.51 -10.14 8.94
CA VAL A 900 5.69 -11.31 9.18
C VAL A 900 5.10 -11.83 7.87
N PHE A 901 4.46 -10.95 7.10
CA PHE A 901 3.89 -11.35 5.83
C PHE A 901 4.97 -11.74 4.83
N SER A 902 6.13 -11.08 4.89
CA SER A 902 7.24 -11.45 4.01
C SER A 902 7.70 -12.88 4.27
N HIS A 903 7.90 -13.23 5.54
CA HIS A 903 8.29 -14.58 5.89
C HIS A 903 7.20 -15.59 5.55
N LEU A 904 5.93 -15.19 5.71
CA LEU A 904 4.83 -16.06 5.33
C LEU A 904 4.87 -16.38 3.84
N SER A 905 5.02 -15.36 3.00
CA SER A 905 5.10 -15.58 1.56
C SER A 905 6.33 -16.40 1.18
N SER A 906 7.47 -16.14 1.83
CA SER A 906 8.67 -16.91 1.55
C SER A 906 8.50 -18.38 1.92
N SER A 907 7.85 -18.65 3.06
CA SER A 907 7.64 -20.03 3.48
C SER A 907 6.63 -20.73 2.58
N LEU A 908 5.62 -20.00 2.10
CA LEU A 908 4.64 -20.61 1.21
C LEU A 908 5.21 -20.85 -0.18
N GLN A 909 6.20 -20.06 -0.59
CA GLN A 909 6.83 -20.27 -1.89
C GLN A 909 7.64 -21.55 -1.96
N GLY A 910 8.08 -22.07 -0.82
CA GLY A 910 8.90 -23.27 -0.80
C GLY A 910 8.30 -24.39 0.04
N LEU A 911 6.99 -24.57 -0.05
CA LEU A 911 6.32 -25.60 0.74
C LEU A 911 6.82 -26.99 0.39
N TRP A 912 7.30 -27.19 -0.84
CA TRP A 912 7.80 -28.50 -1.24
C TRP A 912 9.02 -28.90 -0.40
N THR A 913 10.00 -28.00 -0.30
CA THR A 913 11.19 -28.30 0.50
C THR A 913 10.87 -28.45 1.97
N ILE A 914 9.85 -27.73 2.46
CA ILE A 914 9.48 -27.83 3.87
C ILE A 914 8.85 -29.20 4.15
N ARG A 915 7.90 -29.60 3.30
CA ARG A 915 7.27 -30.91 3.49
C ARG A 915 8.25 -32.04 3.25
N ALA A 916 9.25 -31.84 2.40
CA ALA A 916 10.23 -32.88 2.13
C ALA A 916 11.19 -33.06 3.30
N TYR A 917 11.68 -31.96 3.86
CA TYR A 917 12.65 -32.03 4.94
C TYR A 917 12.02 -32.48 6.26
N LYS A 918 10.69 -32.45 6.37
CA LYS A 918 9.98 -32.81 7.59
C LYS A 918 10.44 -31.98 8.77
N ALA A 919 10.76 -30.71 8.53
CA ALA A 919 11.25 -29.79 9.56
C ALA A 919 10.31 -28.59 9.69
N GLU A 920 9.00 -28.85 9.72
CA GLU A 920 8.03 -27.77 9.86
C GLU A 920 8.09 -27.10 11.22
N GLU A 921 8.73 -27.73 12.21
CA GLU A 921 8.80 -27.15 13.55
C GLU A 921 9.61 -25.85 13.55
N ARG A 922 10.68 -25.80 12.76
CA ARG A 922 11.50 -24.59 12.71
C ARG A 922 10.71 -23.41 12.12
N CYS A 923 10.02 -23.64 11.01
CA CYS A 923 9.22 -22.59 10.41
C CYS A 923 8.07 -22.19 11.31
N GLN A 924 7.47 -23.16 12.01
CA GLN A 924 6.40 -22.85 12.96
C GLN A 924 6.91 -21.97 14.09
N GLU A 925 8.10 -22.29 14.63
CA GLU A 925 8.66 -21.48 15.70
C GLU A 925 9.03 -20.08 15.21
N LEU A 926 9.53 -19.98 13.98
CA LEU A 926 9.85 -18.67 13.41
C LEU A 926 8.60 -17.82 13.25
N PHE A 927 7.53 -18.42 12.72
CA PHE A 927 6.27 -17.69 12.58
C PHE A 927 5.70 -17.30 13.94
N ASP A 928 5.85 -18.18 14.94
CA ASP A 928 5.37 -17.87 16.27
C ASP A 928 6.14 -16.71 16.88
N ALA A 929 7.46 -16.67 16.69
CA ALA A 929 8.26 -15.57 17.19
C ALA A 929 7.91 -14.26 16.49
N HIS A 930 7.69 -14.31 15.17
CA HIS A 930 7.31 -13.12 14.44
C HIS A 930 5.95 -12.59 14.92
N GLN A 931 4.98 -13.49 15.10
CA GLN A 931 3.67 -13.06 15.58
C GLN A 931 3.75 -12.56 17.01
N ASP A 932 4.63 -13.14 17.82
CA ASP A 932 4.80 -12.66 19.19
C ASP A 932 5.37 -11.25 19.20
N LEU A 933 6.35 -10.97 18.33
CA LEU A 933 6.90 -9.62 18.25
C LEU A 933 5.86 -8.64 17.76
N HIS A 934 5.05 -9.04 16.77
CA HIS A 934 4.00 -8.15 16.26
C HIS A 934 2.96 -7.87 17.34
N SER A 935 2.53 -8.90 18.06
CA SER A 935 1.56 -8.71 19.13
C SER A 935 2.15 -7.88 20.27
N GLU A 936 3.46 -8.02 20.50
CA GLU A 936 4.12 -7.20 21.53
C GLU A 936 4.11 -5.73 21.16
N ALA A 937 4.45 -5.42 19.90
CA ALA A 937 4.38 -4.02 19.45
C ALA A 937 2.96 -3.49 19.51
N TRP A 938 1.99 -4.31 19.08
CA TRP A 938 0.59 -3.89 19.12
C TRP A 938 0.13 -3.64 20.56
N PHE A 939 0.54 -4.50 21.49
CA PHE A 939 0.16 -4.35 22.89
C PHE A 939 0.80 -3.10 23.49
N LEU A 940 2.04 -2.79 23.13
CA LEU A 940 2.66 -1.55 23.59
C LEU A 940 1.91 -0.34 23.07
N PHE A 941 1.55 -0.36 21.78
CA PHE A 941 0.79 0.76 21.22
C PHE A 941 -0.56 0.91 21.93
N LEU A 942 -1.26 -0.20 22.16
CA LEU A 942 -2.55 -0.14 22.82
C LEU A 942 -2.43 0.38 24.25
N THR A 943 -1.38 -0.04 24.97
CA THR A 943 -1.19 0.42 26.34
C THR A 943 -0.87 1.91 26.38
N THR A 944 -0.04 2.38 25.44
CA THR A 944 0.26 3.81 25.39
C THR A 944 -1.00 4.62 25.11
N SER A 945 -1.79 4.18 24.12
CA SER A 945 -3.02 4.90 23.79
C SER A 945 -4.01 4.87 24.96
N ARG A 946 -4.09 3.74 25.66
CA ARG A 946 -5.02 3.65 26.78
C ARG A 946 -4.58 4.50 27.95
N TRP A 947 -3.26 4.58 28.20
CA TRP A 947 -2.77 5.46 29.25
C TRP A 947 -3.04 6.92 28.91
N PHE A 948 -2.83 7.31 27.65
CA PHE A 948 -3.15 8.67 27.23
C PHE A 948 -4.62 8.97 27.40
N ALA A 949 -5.49 8.02 27.03
CA ALA A 949 -6.92 8.23 27.15
C ALA A 949 -7.34 8.31 28.61
N VAL A 950 -6.75 7.48 29.47
CA VAL A 950 -7.06 7.54 30.90
C VAL A 950 -6.65 8.88 31.48
N ARG A 951 -5.47 9.39 31.10
CA ARG A 951 -5.03 10.68 31.59
C ARG A 951 -5.95 11.80 31.10
N LEU A 952 -6.35 11.76 29.83
CA LEU A 952 -7.23 12.78 29.30
C LEU A 952 -8.59 12.76 30.00
N ASP A 953 -9.15 11.56 30.21
CA ASP A 953 -10.44 11.47 30.88
C ASP A 953 -10.34 11.88 32.34
N ALA A 954 -9.19 11.61 32.99
CA ALA A 954 -9.00 12.06 34.37
C ALA A 954 -8.92 13.57 34.44
N ILE A 955 -8.23 14.20 33.49
CA ILE A 955 -8.17 15.66 33.46
C ILE A 955 -9.56 16.25 33.23
N CYS A 956 -10.33 15.65 32.31
CA CYS A 956 -11.68 16.14 32.05
C CYS A 956 -12.57 15.97 33.27
N ALA A 957 -12.45 14.84 33.96
CA ALA A 957 -13.26 14.62 35.16
C ALA A 957 -12.88 15.59 36.28
N MET A 958 -11.58 15.88 36.42
CA MET A 958 -11.16 16.86 37.41
C MET A 958 -11.69 18.25 37.08
N PHE A 959 -11.68 18.61 35.80
CA PHE A 959 -12.25 19.89 35.39
C PHE A 959 -13.74 19.95 35.68
N VAL A 960 -14.46 18.86 35.42
CA VAL A 960 -15.89 18.82 35.69
C VAL A 960 -16.15 18.94 37.19
N ILE A 961 -15.34 18.26 38.01
CA ILE A 961 -15.50 18.34 39.46
C ILE A 961 -15.26 19.77 39.94
N ILE A 962 -14.22 20.41 39.40
CA ILE A 962 -13.92 21.79 39.81
C ILE A 962 -15.06 22.72 39.43
N VAL A 963 -15.60 22.57 38.21
CA VAL A 963 -16.70 23.41 37.77
C VAL A 963 -17.93 23.19 38.64
N ALA A 964 -18.25 21.93 38.93
CA ALA A 964 -19.43 21.63 39.74
C ALA A 964 -19.29 22.19 41.16
N PHE A 965 -18.08 22.07 41.74
CA PHE A 965 -17.88 22.59 43.09
C PHE A 965 -17.95 24.11 43.11
N GLY A 966 -17.32 24.76 42.12
CA GLY A 966 -17.38 26.22 42.07
C GLY A 966 -18.78 26.74 41.82
N SER A 967 -19.61 25.95 41.12
CA SER A 967 -21.00 26.37 40.92
C SER A 967 -21.86 26.12 42.14
N LEU A 968 -21.64 25.00 42.84
CA LEU A 968 -22.41 24.71 44.04
C LEU A 968 -22.06 25.63 45.20
N ILE A 969 -20.81 26.10 45.26
CA ILE A 969 -20.42 27.02 46.32
C ILE A 969 -21.11 28.37 46.14
N LEU A 970 -21.09 28.90 44.93
CA LEU A 970 -21.72 30.19 44.64
C LEU A 970 -23.16 29.98 44.17
N ALA A 971 -23.95 29.33 45.02
CA ALA A 971 -25.34 29.05 44.69
C ALA A 971 -26.24 30.26 44.82
N LYS A 972 -25.78 31.32 45.50
CA LYS A 972 -26.63 32.49 45.68
C LYS A 972 -26.66 33.38 44.44
N THR A 973 -25.63 33.32 43.60
CA THR A 973 -25.52 34.16 42.42
C THR A 973 -25.64 33.34 41.13
N LEU A 974 -26.24 32.15 41.21
CA LEU A 974 -26.41 31.31 40.03
C LEU A 974 -27.80 30.69 40.07
N ASP A 975 -28.53 30.82 38.97
CA ASP A 975 -29.86 30.25 38.87
C ASP A 975 -29.78 28.76 38.52
N ALA A 976 -30.96 28.13 38.45
CA ALA A 976 -31.01 26.71 38.12
C ALA A 976 -30.65 26.45 36.67
N GLY A 977 -31.14 27.30 35.76
CA GLY A 977 -30.81 27.14 34.36
C GLY A 977 -29.32 27.26 34.09
N GLN A 978 -28.66 28.19 34.77
CA GLN A 978 -27.23 28.41 34.55
C GLN A 978 -26.41 27.19 34.98
N VAL A 979 -26.64 26.71 36.20
CA VAL A 979 -25.90 25.54 36.68
C VAL A 979 -26.24 24.31 35.84
N GLY A 980 -27.50 24.18 35.44
CA GLY A 980 -27.87 23.04 34.60
C GLY A 980 -27.16 23.05 33.27
N LEU A 981 -27.15 24.21 32.59
CA LEU A 981 -26.46 24.30 31.30
C LEU A 981 -24.97 24.10 31.45
N ALA A 982 -24.37 24.65 32.52
CA ALA A 982 -22.94 24.48 32.73
C ALA A 982 -22.59 23.02 32.95
N LEU A 983 -23.37 22.31 33.77
CA LEU A 983 -23.10 20.90 34.01
C LEU A 983 -23.33 20.06 32.76
N SER A 984 -24.38 20.39 32.00
CA SER A 984 -24.65 19.63 30.78
C SER A 984 -23.56 19.84 29.75
N TYR A 985 -22.99 21.04 29.69
CA TYR A 985 -21.90 21.29 28.74
C TYR A 985 -20.59 20.67 29.23
N ALA A 986 -20.37 20.61 30.54
CA ALA A 986 -19.16 20.01 31.07
C ALA A 986 -19.19 18.49 30.95
N LEU A 987 -20.36 17.87 31.06
CA LEU A 987 -20.46 16.42 30.98
C LEU A 987 -20.33 15.89 29.56
N THR A 988 -20.13 16.75 28.57
CA THR A 988 -19.97 16.33 27.19
C THR A 988 -18.52 16.34 26.71
N LEU A 989 -17.60 16.83 27.54
CA LEU A 989 -16.19 16.86 27.14
C LEU A 989 -15.54 15.48 27.20
N MET A 990 -16.06 14.59 28.04
CA MET A 990 -15.49 13.25 28.14
C MET A 990 -15.66 12.49 26.84
N GLY A 991 -14.57 11.99 26.31
CA GLY A 991 -14.58 11.34 25.01
C GLY A 991 -14.42 12.29 23.84
N MET A 992 -15.17 13.39 23.87
CA MET A 992 -15.05 14.39 22.80
C MET A 992 -13.65 15.01 22.79
N PHE A 993 -13.07 15.21 23.98
CA PHE A 993 -11.74 15.80 24.06
C PHE A 993 -10.69 14.88 23.43
N GLN A 994 -10.72 13.59 23.79
CA GLN A 994 -9.76 12.66 23.22
C GLN A 994 -10.02 12.45 21.73
N TRP A 995 -11.28 12.56 21.30
CA TRP A 995 -11.58 12.47 19.87
C TRP A 995 -10.97 13.65 19.12
N CYS A 996 -11.09 14.85 19.68
CA CYS A 996 -10.46 16.02 19.07
C CYS A 996 -8.94 15.87 19.02
N VAL A 997 -8.35 15.34 20.10
CA VAL A 997 -6.90 15.17 20.13
C VAL A 997 -6.46 14.17 19.06
N ARG A 998 -7.18 13.05 18.95
CA ARG A 998 -6.81 12.04 17.96
C ARG A 998 -7.04 12.55 16.53
N GLN A 999 -8.06 13.38 16.33
CA GLN A 999 -8.30 13.94 15.00
C GLN A 999 -7.19 14.93 14.63
N SER A 1000 -6.78 15.77 15.59
CA SER A 1000 -5.66 16.67 15.33
C SER A 1000 -4.37 15.89 15.04
N ALA A 1001 -4.15 14.80 15.77
CA ALA A 1001 -2.97 13.97 15.52
C ALA A 1001 -3.02 13.34 14.13
N GLU A 1002 -4.19 12.85 13.73
CA GLU A 1002 -4.32 12.26 12.39
C GLU A 1002 -4.12 13.30 11.31
N VAL A 1003 -4.61 14.53 11.53
CA VAL A 1003 -4.41 15.60 10.54
C VAL A 1003 -2.94 15.95 10.43
N GLU A 1004 -2.25 16.06 11.58
CA GLU A 1004 -0.83 16.38 11.56
C GLU A 1004 -0.02 15.27 10.91
N ASN A 1005 -0.46 14.02 11.07
CA ASN A 1005 0.25 12.90 10.44
C ASN A 1005 -0.01 12.85 8.93
N MET A 1006 -1.22 13.20 8.50
CA MET A 1006 -1.55 13.16 7.08
C MET A 1006 -1.07 14.41 6.33
N MET A 1007 -0.70 15.47 7.05
CA MET A 1007 -0.20 16.67 6.40
C MET A 1007 1.11 16.45 5.66
N ILE A 1008 1.78 15.31 5.91
CA ILE A 1008 3.03 15.04 5.19
C ILE A 1008 2.77 14.84 3.70
N SER A 1009 1.58 14.32 3.34
CA SER A 1009 1.23 14.18 1.94
C SER A 1009 1.10 15.55 1.28
N VAL A 1010 0.43 16.48 1.96
CA VAL A 1010 0.31 17.84 1.44
C VAL A 1010 1.69 18.50 1.33
N GLU A 1011 2.55 18.23 2.31
CA GLU A 1011 3.90 18.79 2.28
C GLU A 1011 4.67 18.26 1.06
N ARG A 1012 4.59 16.96 0.80
CA ARG A 1012 5.26 16.39 -0.35
C ARG A 1012 4.68 16.93 -1.66
N VAL A 1013 3.35 17.10 -1.70
CA VAL A 1013 2.72 17.65 -2.91
C VAL A 1013 3.20 19.07 -3.16
N ILE A 1014 3.29 19.89 -2.11
CA ILE A 1014 3.76 21.26 -2.27
C ILE A 1014 5.23 21.27 -2.69
N GLU A 1015 6.04 20.37 -2.12
CA GLU A 1015 7.45 20.31 -2.50
C GLU A 1015 7.62 19.90 -3.95
N TYR A 1016 6.77 18.99 -4.44
CA TYR A 1016 6.81 18.61 -5.85
C TYR A 1016 6.29 19.74 -6.74
N THR A 1017 5.35 20.54 -6.23
CA THR A 1017 4.90 21.73 -6.95
C THR A 1017 5.99 22.77 -7.07
N ASP A 1018 6.83 22.93 -6.06
CA ASP A 1018 7.91 23.91 -6.04
C ASP A 1018 9.19 23.35 -6.63
N LEU A 1019 9.07 22.36 -7.53
CA LEU A 1019 10.21 21.76 -8.19
C LEU A 1019 10.67 22.65 -9.33
N GLU A 1020 11.99 22.79 -9.46
CA GLU A 1020 12.57 23.72 -10.42
C GLU A 1020 12.29 23.27 -11.85
N LYS A 1021 11.98 24.22 -12.72
CA LYS A 1021 11.67 23.92 -14.11
C LYS A 1021 12.85 24.28 -15.01
N GLU A 1022 12.89 23.62 -16.17
CA GLU A 1022 13.95 23.85 -17.14
C GLU A 1022 13.53 24.96 -18.11
N ALA A 1023 14.28 25.11 -19.20
CA ALA A 1023 14.01 26.18 -20.15
C ALA A 1023 12.61 26.03 -20.75
N PRO A 1024 11.97 27.14 -21.12
CA PRO A 1024 10.63 27.06 -21.70
C PRO A 1024 10.62 26.28 -23.00
N TRP A 1025 9.43 25.82 -23.38
CA TRP A 1025 9.29 25.01 -24.59
C TRP A 1025 9.58 25.84 -25.83
N GLU A 1026 8.96 27.01 -25.96
CA GLU A 1026 9.17 27.88 -27.10
C GLU A 1026 9.36 29.30 -26.61
N TYR A 1027 10.32 30.00 -27.23
CA TYR A 1027 10.63 31.38 -26.86
C TYR A 1027 9.80 32.33 -27.73
N GLN A 1028 10.12 33.63 -27.66
CA GLN A 1028 9.40 34.61 -28.47
C GLN A 1028 9.81 34.57 -29.92
N LYS A 1029 10.99 34.04 -30.24
CA LYS A 1029 11.47 33.95 -31.62
C LYS A 1029 10.83 32.74 -32.27
N ARG A 1030 9.86 32.99 -33.15
CA ARG A 1030 9.19 31.90 -33.85
C ARG A 1030 10.09 31.33 -34.94
N PRO A 1031 10.28 30.02 -35.00
CA PRO A 1031 11.14 29.45 -36.03
C PRO A 1031 10.48 29.53 -37.38
N PRO A 1032 11.26 29.63 -38.45
CA PRO A 1032 10.68 29.68 -39.80
C PRO A 1032 10.00 28.37 -40.15
N PRO A 1033 9.02 28.39 -41.06
CA PRO A 1033 8.34 27.14 -41.44
C PRO A 1033 9.21 26.20 -42.26
N ALA A 1034 10.38 26.63 -42.71
CA ALA A 1034 11.29 25.79 -43.48
C ALA A 1034 12.45 25.24 -42.68
N TRP A 1035 12.85 25.91 -41.59
CA TRP A 1035 13.94 25.43 -40.76
C TRP A 1035 13.46 24.33 -39.82
N PRO A 1036 14.21 23.23 -39.69
CA PRO A 1036 15.49 22.98 -40.37
C PRO A 1036 15.32 22.53 -41.83
N HIS A 1037 16.16 23.08 -42.70
CA HIS A 1037 16.08 22.75 -44.12
C HIS A 1037 17.08 21.65 -44.50
N GLU A 1038 18.33 21.79 -44.05
CA GLU A 1038 19.38 20.84 -44.37
C GLU A 1038 19.56 19.79 -43.28
N GLY A 1039 19.76 20.22 -42.04
CA GLY A 1039 19.97 19.29 -40.93
C GLY A 1039 21.43 18.97 -40.70
N VAL A 1040 22.30 19.94 -40.94
CA VAL A 1040 23.73 19.76 -40.74
C VAL A 1040 24.07 20.02 -39.27
N ILE A 1041 24.88 19.12 -38.70
CA ILE A 1041 25.32 19.22 -37.32
C ILE A 1041 26.83 19.43 -37.31
N ILE A 1042 27.30 20.34 -36.46
CA ILE A 1042 28.71 20.66 -36.36
C ILE A 1042 29.18 20.35 -34.94
N PHE A 1043 30.22 19.53 -34.85
CA PHE A 1043 30.76 19.06 -33.57
C PHE A 1043 31.87 20.01 -33.14
N ASP A 1044 31.64 20.77 -32.06
CA ASP A 1044 32.62 21.72 -31.52
C ASP A 1044 32.71 21.53 -30.02
N ASN A 1045 33.57 20.62 -29.58
CA ASN A 1045 33.85 20.37 -28.17
C ASN A 1045 32.57 20.14 -27.38
N VAL A 1046 31.66 19.36 -27.98
CA VAL A 1046 30.38 19.06 -27.36
C VAL A 1046 30.49 17.74 -26.58
N ASN A 1047 29.92 17.72 -25.37
CA ASN A 1047 29.91 16.54 -24.53
C ASN A 1047 28.56 16.48 -23.84
N PHE A 1048 28.44 15.61 -22.84
CA PHE A 1048 27.24 15.49 -22.02
C PHE A 1048 27.62 15.43 -20.55
N MET A 1049 26.78 16.04 -19.71
CA MET A 1049 26.99 16.08 -18.27
C MET A 1049 25.84 15.35 -17.59
N TYR A 1050 26.17 14.30 -16.84
CA TYR A 1050 25.17 13.59 -16.05
C TYR A 1050 24.72 14.37 -14.83
N SER A 1051 25.56 15.27 -14.33
CA SER A 1051 25.24 16.09 -13.17
C SER A 1051 26.13 17.31 -13.20
N PRO A 1052 25.68 18.45 -12.65
CA PRO A 1052 26.52 19.65 -12.65
C PRO A 1052 27.78 19.46 -11.84
N GLY A 1053 28.92 19.46 -12.52
CA GLY A 1053 30.19 19.25 -11.85
C GLY A 1053 30.39 17.84 -11.35
N GLY A 1054 29.99 16.85 -12.14
CA GLY A 1054 30.11 15.46 -11.74
C GLY A 1054 31.03 14.67 -12.64
N PRO A 1055 30.59 13.48 -13.06
CA PRO A 1055 31.43 12.64 -13.91
C PRO A 1055 31.52 13.17 -15.33
N LEU A 1056 32.61 12.81 -16.00
CA LEU A 1056 32.83 13.23 -17.38
C LEU A 1056 33.76 12.22 -18.06
N VAL A 1057 33.28 11.65 -19.16
CA VAL A 1057 34.04 10.69 -19.95
C VAL A 1057 34.36 11.24 -21.35
N LEU A 1058 33.45 12.03 -21.91
CA LEU A 1058 33.62 12.55 -23.25
C LEU A 1058 34.34 13.89 -23.24
N LYS A 1059 35.25 14.07 -24.19
CA LYS A 1059 36.03 15.30 -24.29
C LYS A 1059 36.58 15.44 -25.70
N HIS A 1060 36.63 16.67 -26.19
CA HIS A 1060 37.25 17.01 -27.48
C HIS A 1060 36.66 16.19 -28.62
N LEU A 1061 35.36 16.39 -28.85
CA LEU A 1061 34.64 15.71 -29.92
C LEU A 1061 34.42 16.71 -31.04
N THR A 1062 35.13 16.53 -32.14
CA THR A 1062 35.03 17.43 -33.29
C THR A 1062 35.12 16.61 -34.57
N ALA A 1063 34.17 16.85 -35.48
CA ALA A 1063 34.11 16.14 -36.75
C ALA A 1063 33.29 16.98 -37.73
N LEU A 1064 33.13 16.46 -38.94
CA LEU A 1064 32.36 17.12 -39.98
C LEU A 1064 31.50 16.09 -40.70
N ILE A 1065 30.22 16.43 -40.85
CA ILE A 1065 29.23 15.52 -41.41
C ILE A 1065 29.04 15.82 -42.89
N LYS A 1066 28.59 14.81 -43.64
CA LYS A 1066 28.28 14.98 -45.04
C LYS A 1066 26.95 15.72 -45.21
N SER A 1067 26.54 15.85 -46.47
CA SER A 1067 25.32 16.56 -46.84
C SER A 1067 24.33 15.56 -47.42
N GLN A 1068 23.16 15.43 -46.76
CA GLN A 1068 22.04 14.60 -47.21
C GLN A 1068 22.50 13.22 -47.71
N GLU A 1069 23.28 12.53 -46.89
CA GLU A 1069 23.85 11.24 -47.29
C GLU A 1069 24.17 10.48 -46.00
N LYS A 1070 24.31 9.16 -46.12
CA LYS A 1070 24.43 8.30 -44.96
C LYS A 1070 25.70 8.58 -44.17
N VAL A 1071 25.57 8.64 -42.85
CA VAL A 1071 26.69 8.82 -41.93
C VAL A 1071 26.49 7.89 -40.74
N GLY A 1072 27.59 7.34 -40.22
CA GLY A 1072 27.49 6.35 -39.17
C GLY A 1072 28.33 6.61 -37.95
N ILE A 1073 27.80 6.26 -36.78
CA ILE A 1073 28.50 6.41 -35.50
C ILE A 1073 28.65 5.04 -34.87
N VAL A 1074 29.88 4.63 -34.61
CA VAL A 1074 30.16 3.31 -34.04
C VAL A 1074 30.31 3.44 -32.53
N GLY A 1075 29.99 2.37 -31.81
CA GLY A 1075 30.13 2.35 -30.37
C GLY A 1075 30.02 0.94 -29.81
N ARG A 1076 30.89 0.62 -28.86
CA ARG A 1076 30.91 -0.70 -28.23
C ARG A 1076 30.06 -0.70 -26.96
N THR A 1077 29.81 -1.90 -26.45
CA THR A 1077 28.94 -2.06 -25.30
C THR A 1077 29.68 -1.72 -24.00
N GLY A 1078 29.01 -0.97 -23.14
CA GLY A 1078 29.55 -0.62 -21.83
C GLY A 1078 30.63 0.44 -21.82
N ALA A 1079 31.16 0.82 -22.98
CA ALA A 1079 32.23 1.80 -23.07
C ALA A 1079 31.79 3.03 -23.86
N GLY A 1080 30.58 3.50 -23.62
CA GLY A 1080 30.09 4.69 -24.30
C GLY A 1080 28.66 4.58 -24.79
N LYS A 1081 27.98 3.48 -24.47
CA LYS A 1081 26.60 3.29 -24.90
C LYS A 1081 25.69 4.37 -24.33
N SER A 1082 25.57 4.41 -23.00
CA SER A 1082 24.74 5.42 -22.37
C SER A 1082 25.24 6.83 -22.67
N SER A 1083 26.56 7.00 -22.76
CA SER A 1083 27.12 8.31 -23.11
C SER A 1083 26.65 8.74 -24.49
N LEU A 1084 26.67 7.83 -25.46
CA LEU A 1084 26.22 8.19 -26.81
C LEU A 1084 24.72 8.44 -26.84
N ILE A 1085 23.93 7.63 -26.13
CA ILE A 1085 22.48 7.84 -26.10
C ILE A 1085 22.15 9.18 -25.45
N SER A 1086 22.95 9.61 -24.48
CA SER A 1086 22.68 10.89 -23.82
C SER A 1086 23.16 12.07 -24.66
N ALA A 1087 24.29 11.92 -25.36
CA ALA A 1087 24.85 13.04 -26.11
C ALA A 1087 24.11 13.26 -27.42
N LEU A 1088 23.70 12.18 -28.09
CA LEU A 1088 23.04 12.32 -29.37
C LEU A 1088 21.57 12.71 -29.21
N PHE A 1089 20.89 12.16 -28.21
CA PHE A 1089 19.48 12.49 -28.00
C PHE A 1089 19.34 13.87 -27.38
N ARG A 1090 20.28 14.24 -26.50
CA ARG A 1090 20.30 15.57 -25.88
C ARG A 1090 19.04 15.86 -25.09
N LEU A 1091 18.72 14.97 -24.14
CA LEU A 1091 17.56 15.21 -23.28
C LEU A 1091 17.82 16.33 -22.29
N SER A 1092 18.89 16.20 -21.50
CA SER A 1092 19.28 17.23 -20.55
C SER A 1092 20.23 18.22 -21.22
N GLU A 1093 20.47 19.35 -20.54
CA GLU A 1093 21.36 20.39 -21.04
C GLU A 1093 22.80 19.89 -21.07
N PRO A 1094 23.40 19.77 -22.24
CA PRO A 1094 24.77 19.24 -22.32
C PRO A 1094 25.80 20.36 -22.28
N GLU A 1095 27.04 19.96 -21.99
CA GLU A 1095 28.17 20.90 -21.93
C GLU A 1095 28.66 21.13 -23.36
N GLY A 1096 28.88 22.39 -23.69
CA GLY A 1096 29.36 22.75 -25.01
C GLY A 1096 28.32 23.56 -25.75
N LYS A 1097 28.70 24.01 -26.94
CA LYS A 1097 27.84 24.79 -27.82
C LYS A 1097 27.50 23.94 -29.03
N ILE A 1098 26.20 23.78 -29.30
CA ILE A 1098 25.70 22.88 -30.32
C ILE A 1098 25.17 23.71 -31.49
N TRP A 1099 25.42 23.24 -32.72
CA TRP A 1099 25.00 23.94 -33.92
C TRP A 1099 24.23 22.98 -34.81
N ILE A 1100 23.03 23.41 -35.24
CA ILE A 1100 22.26 22.73 -36.27
C ILE A 1100 22.22 23.65 -37.47
N ASP A 1101 22.87 23.23 -38.57
CA ASP A 1101 23.07 24.05 -39.75
C ASP A 1101 23.77 25.37 -39.41
N LYS A 1102 24.72 25.33 -38.47
CA LYS A 1102 25.45 26.50 -37.99
C LYS A 1102 24.51 27.59 -37.46
N ILE A 1103 23.54 27.21 -36.64
CA ILE A 1103 22.65 28.15 -35.96
C ILE A 1103 22.61 27.77 -34.49
N LEU A 1104 22.64 28.79 -33.63
CA LEU A 1104 22.70 28.56 -32.19
C LEU A 1104 21.52 27.72 -31.71
N THR A 1105 21.75 26.91 -30.68
CA THR A 1105 20.76 25.99 -30.16
C THR A 1105 20.04 26.51 -28.92
N THR A 1106 20.62 27.47 -28.22
CA THR A 1106 20.02 27.96 -26.98
C THR A 1106 18.94 29.00 -27.27
N GLU A 1107 17.98 28.66 -28.13
CA GLU A 1107 16.84 29.51 -28.40
C GLU A 1107 15.51 28.78 -28.40
N ILE A 1108 15.47 27.47 -28.65
CA ILE A 1108 14.25 26.69 -28.66
C ILE A 1108 14.47 25.46 -27.79
N GLY A 1109 13.39 24.98 -27.17
CA GLY A 1109 13.44 23.83 -26.29
C GLY A 1109 13.63 22.52 -27.03
N LEU A 1110 13.15 21.45 -26.42
CA LEU A 1110 13.33 20.10 -26.96
C LEU A 1110 12.32 19.75 -28.04
N HIS A 1111 11.13 20.35 -28.00
CA HIS A 1111 10.04 19.92 -28.89
C HIS A 1111 10.38 20.18 -30.35
N ASP A 1112 10.66 21.44 -30.70
CA ASP A 1112 10.85 21.81 -32.10
C ASP A 1112 12.20 21.36 -32.67
N LEU A 1113 13.06 20.76 -31.86
CA LEU A 1113 14.39 20.38 -32.32
C LEU A 1113 14.65 18.88 -32.28
N ARG A 1114 14.36 18.23 -31.16
CA ARG A 1114 14.67 16.81 -30.97
C ARG A 1114 13.47 15.91 -31.25
N LYS A 1115 12.60 16.32 -32.16
CA LYS A 1115 11.48 15.48 -32.58
C LYS A 1115 11.67 14.88 -33.96
N LYS A 1116 12.79 15.16 -34.62
CA LYS A 1116 13.07 14.65 -35.95
C LYS A 1116 13.76 13.29 -35.95
N MET A 1117 14.07 12.75 -34.77
CA MET A 1117 14.75 11.46 -34.68
C MET A 1117 13.75 10.33 -34.52
N SER A 1118 14.13 9.16 -35.04
CA SER A 1118 13.33 7.96 -34.90
C SER A 1118 13.85 7.13 -33.72
N ILE A 1119 12.96 6.77 -32.82
CA ILE A 1119 13.35 6.07 -31.60
C ILE A 1119 13.39 4.57 -31.88
N ILE A 1120 14.53 3.94 -31.59
CA ILE A 1120 14.67 2.49 -31.67
C ILE A 1120 15.16 1.98 -30.31
N PRO A 1121 14.38 2.13 -29.23
CA PRO A 1121 14.83 1.62 -27.94
C PRO A 1121 14.37 0.19 -27.69
N GLN A 1122 14.68 -0.35 -26.52
CA GLN A 1122 14.16 -1.65 -26.12
C GLN A 1122 12.68 -1.60 -25.76
N GLU A 1123 12.08 -0.41 -25.74
CA GLU A 1123 10.67 -0.24 -25.40
C GLU A 1123 9.93 0.28 -26.63
N PRO A 1124 9.15 -0.55 -27.32
CA PRO A 1124 8.53 -0.12 -28.57
C PRO A 1124 7.37 0.84 -28.32
N VAL A 1125 6.68 1.17 -29.41
CA VAL A 1125 5.57 2.12 -29.37
C VAL A 1125 4.41 1.49 -28.60
N LEU A 1126 4.12 2.02 -27.41
CA LEU A 1126 3.02 1.56 -26.57
C LEU A 1126 2.10 2.75 -26.27
N PHE A 1127 0.89 2.70 -26.80
CA PHE A 1127 -0.12 3.73 -26.56
C PHE A 1127 -1.50 3.09 -26.53
N THR A 1128 -2.30 3.49 -25.54
CA THR A 1128 -3.65 2.95 -25.36
C THR A 1128 -4.66 3.97 -25.87
N GLY A 1129 -5.64 3.48 -26.62
CA GLY A 1129 -6.68 4.31 -27.17
C GLY A 1129 -6.86 4.04 -28.64
N THR A 1130 -7.47 5.00 -29.33
CA THR A 1130 -7.68 4.87 -30.77
C THR A 1130 -6.35 4.93 -31.51
N MET A 1131 -6.35 4.39 -32.74
CA MET A 1131 -5.14 4.39 -33.55
C MET A 1131 -4.74 5.80 -33.96
N ARG A 1132 -5.71 6.73 -33.99
CA ARG A 1132 -5.40 8.12 -34.31
C ARG A 1132 -4.42 8.71 -33.29
N LYS A 1133 -4.78 8.65 -32.01
CA LYS A 1133 -3.89 9.16 -30.96
C LYS A 1133 -2.59 8.39 -30.91
N ASN A 1134 -2.60 7.12 -31.35
CA ASN A 1134 -1.38 6.33 -31.36
C ASN A 1134 -0.42 6.82 -32.44
N LEU A 1135 -0.94 7.12 -33.63
CA LEU A 1135 -0.11 7.56 -34.73
C LEU A 1135 0.08 9.07 -34.76
N ASP A 1136 -1.01 9.84 -34.68
CA ASP A 1136 -0.93 11.30 -34.70
C ASP A 1136 -2.04 11.86 -33.82
N PRO A 1137 -1.72 12.20 -32.58
CA PRO A 1137 -2.77 12.69 -31.66
C PRO A 1137 -3.38 14.01 -32.08
N PHE A 1138 -2.73 14.78 -32.94
CA PHE A 1138 -3.28 16.03 -33.43
C PHE A 1138 -3.82 15.92 -34.86
N ASN A 1139 -3.52 14.82 -35.54
CA ASN A 1139 -4.03 14.49 -36.89
C ASN A 1139 -4.25 15.72 -37.75
N GLU A 1140 -3.19 16.52 -37.89
CA GLU A 1140 -3.28 17.74 -38.70
C GLU A 1140 -3.49 17.40 -40.17
N HIS A 1141 -3.01 16.26 -40.63
CA HIS A 1141 -3.20 15.83 -42.01
C HIS A 1141 -4.48 14.99 -42.12
N THR A 1142 -4.96 14.85 -43.35
CA THR A 1142 -6.15 14.04 -43.57
C THR A 1142 -5.80 12.55 -43.56
N ASP A 1143 -6.78 11.72 -43.92
CA ASP A 1143 -6.65 10.27 -43.79
C ASP A 1143 -5.93 9.63 -44.96
N GLU A 1144 -5.87 10.29 -46.12
CA GLU A 1144 -5.36 9.65 -47.32
C GLU A 1144 -3.87 9.33 -47.22
N GLU A 1145 -3.06 10.29 -46.78
CA GLU A 1145 -1.62 10.01 -46.64
C GLU A 1145 -1.37 8.96 -45.58
N LEU A 1146 -2.20 8.91 -44.53
CA LEU A 1146 -2.05 7.88 -43.51
C LEU A 1146 -2.35 6.51 -44.08
N TRP A 1147 -3.43 6.40 -44.87
CA TRP A 1147 -3.73 5.15 -45.57
C TRP A 1147 -2.58 4.73 -46.47
N ASN A 1148 -2.04 5.68 -47.23
CA ASN A 1148 -0.95 5.37 -48.16
C ASN A 1148 0.29 4.89 -47.40
N ALA A 1149 0.60 5.53 -46.28
CA ALA A 1149 1.77 5.14 -45.51
C ALA A 1149 1.60 3.78 -44.85
N LEU A 1150 0.39 3.46 -44.38
CA LEU A 1150 0.21 2.16 -43.76
C LEU A 1150 0.11 1.05 -44.79
N GLN A 1151 -0.32 1.37 -46.02
CA GLN A 1151 -0.30 0.36 -47.09
C GLN A 1151 1.12 0.18 -47.61
N GLU A 1152 1.95 1.23 -47.52
CA GLU A 1152 3.35 1.12 -47.86
C GLU A 1152 4.11 0.28 -46.84
N VAL A 1153 3.76 0.41 -45.56
CA VAL A 1153 4.47 -0.28 -44.48
C VAL A 1153 3.82 -1.62 -44.14
N GLN A 1154 2.78 -2.02 -44.87
CA GLN A 1154 2.10 -3.30 -44.69
C GLN A 1154 1.55 -3.43 -43.26
N LEU A 1155 0.60 -2.55 -42.96
CA LEU A 1155 -0.04 -2.51 -41.64
C LEU A 1155 -1.50 -2.96 -41.65
N LYS A 1156 -2.22 -2.75 -42.75
CA LYS A 1156 -3.63 -3.09 -42.82
C LYS A 1156 -3.91 -4.58 -42.77
N GLU A 1157 -3.06 -5.40 -43.41
CA GLU A 1157 -3.34 -6.83 -43.52
C GLU A 1157 -3.42 -7.51 -42.15
N THR A 1158 -2.83 -6.91 -41.13
CA THR A 1158 -2.93 -7.41 -39.77
C THR A 1158 -4.20 -6.93 -39.07
N ILE A 1159 -4.67 -5.72 -39.37
CA ILE A 1159 -5.84 -5.19 -38.68
C ILE A 1159 -7.14 -5.56 -39.39
N GLU A 1160 -7.06 -6.21 -40.56
CA GLU A 1160 -8.28 -6.66 -41.24
C GLU A 1160 -9.13 -7.58 -40.38
N ASP A 1161 -8.53 -8.20 -39.36
CA ASP A 1161 -9.25 -9.17 -38.54
C ASP A 1161 -10.39 -8.52 -37.77
N LEU A 1162 -10.10 -7.38 -37.13
CA LEU A 1162 -11.10 -6.73 -36.29
C LEU A 1162 -11.76 -5.58 -37.03
N PRO A 1163 -13.06 -5.34 -36.77
CA PRO A 1163 -13.74 -4.23 -37.43
C PRO A 1163 -13.26 -2.86 -36.98
N GLY A 1164 -12.49 -2.79 -35.88
CA GLY A 1164 -11.95 -1.54 -35.42
C GLY A 1164 -10.79 -1.07 -36.27
N LYS A 1165 -11.09 -0.64 -37.50
CA LYS A 1165 -10.04 -0.24 -38.43
C LYS A 1165 -9.31 1.00 -37.94
N MET A 1166 -10.04 1.93 -37.31
CA MET A 1166 -9.46 3.19 -36.90
C MET A 1166 -9.62 3.51 -35.41
N ASP A 1167 -10.71 3.07 -34.78
CA ASP A 1167 -11.00 3.40 -33.40
C ASP A 1167 -11.13 2.15 -32.54
N THR A 1168 -10.22 1.19 -32.73
CA THR A 1168 -10.22 -0.02 -31.93
C THR A 1168 -9.56 0.23 -30.58
N GLU A 1169 -9.90 -0.61 -29.60
CA GLU A 1169 -9.35 -0.49 -28.25
C GLU A 1169 -8.05 -1.29 -28.19
N LEU A 1170 -6.97 -0.60 -27.82
CA LEU A 1170 -5.67 -1.24 -27.70
C LEU A 1170 -5.21 -1.23 -26.25
N ALA A 1171 -4.54 -2.31 -25.85
CA ALA A 1171 -4.02 -2.44 -24.51
C ALA A 1171 -2.53 -2.13 -24.46
N GLU A 1172 -2.02 -1.94 -23.25
CA GLU A 1172 -0.62 -1.64 -23.07
C GLU A 1172 0.19 -2.91 -22.85
N SER A 1173 1.50 -2.73 -22.70
CA SER A 1173 2.49 -3.79 -22.48
C SER A 1173 2.46 -4.86 -23.55
N GLY A 1174 1.86 -4.59 -24.70
CA GLY A 1174 1.81 -5.54 -25.80
C GLY A 1174 1.09 -6.84 -25.45
N SER A 1175 -0.21 -6.74 -25.15
CA SER A 1175 -0.97 -7.93 -24.80
C SER A 1175 -1.15 -8.85 -26.01
N ASN A 1176 -1.59 -8.29 -27.13
CA ASN A 1176 -1.78 -9.05 -28.36
C ASN A 1176 -0.86 -8.59 -29.48
N PHE A 1177 0.09 -7.69 -29.19
CA PHE A 1177 0.99 -7.17 -30.20
C PHE A 1177 2.36 -7.84 -30.11
N SER A 1178 2.98 -8.04 -31.26
CA SER A 1178 4.32 -8.56 -31.36
C SER A 1178 5.31 -7.43 -31.63
N VAL A 1179 6.60 -7.76 -31.55
CA VAL A 1179 7.64 -6.76 -31.78
C VAL A 1179 7.67 -6.35 -33.25
N GLY A 1180 7.31 -7.26 -34.15
CA GLY A 1180 7.31 -6.99 -35.58
C GLY A 1180 6.43 -5.84 -35.99
N GLN A 1181 5.11 -6.00 -35.81
CA GLN A 1181 4.18 -4.95 -36.21
C GLN A 1181 4.42 -3.66 -35.44
N ARG A 1182 4.98 -3.77 -34.22
CA ARG A 1182 5.31 -2.57 -33.46
C ARG A 1182 6.44 -1.80 -34.12
N GLN A 1183 7.51 -2.48 -34.52
CA GLN A 1183 8.57 -1.80 -35.26
C GLN A 1183 8.06 -1.27 -36.59
N LEU A 1184 7.14 -2.01 -37.22
CA LEU A 1184 6.60 -1.55 -38.51
C LEU A 1184 5.81 -0.26 -38.35
N VAL A 1185 4.95 -0.18 -37.34
CA VAL A 1185 4.16 1.04 -37.14
C VAL A 1185 5.06 2.17 -36.63
N CYS A 1186 6.14 1.82 -35.93
CA CYS A 1186 7.12 2.85 -35.56
C CYS A 1186 7.76 3.47 -36.79
N LEU A 1187 8.18 2.63 -37.75
CA LEU A 1187 8.73 3.15 -39.00
C LEU A 1187 7.69 3.93 -39.77
N ALA A 1188 6.43 3.49 -39.72
CA ALA A 1188 5.35 4.22 -40.38
C ALA A 1188 5.19 5.62 -39.80
N ARG A 1189 5.21 5.74 -38.46
CA ARG A 1189 5.14 7.06 -37.84
C ARG A 1189 6.37 7.89 -38.16
N ALA A 1190 7.53 7.24 -38.25
CA ALA A 1190 8.77 7.95 -38.59
C ALA A 1190 8.69 8.55 -39.99
N ILE A 1191 8.11 7.82 -40.93
CA ILE A 1191 8.01 8.35 -42.29
C ILE A 1191 6.82 9.31 -42.41
N LEU A 1192 5.84 9.20 -41.51
CA LEU A 1192 4.76 10.18 -41.45
C LEU A 1192 5.21 11.52 -40.90
N ARG A 1193 6.17 11.54 -39.97
CA ARG A 1193 6.64 12.79 -39.40
C ARG A 1193 7.34 13.68 -40.41
N LYS A 1194 7.57 13.19 -41.63
CA LYS A 1194 8.27 13.96 -42.68
C LYS A 1194 9.63 14.41 -42.19
N ASN A 1195 10.44 13.45 -41.75
CA ASN A 1195 11.71 13.72 -41.10
C ASN A 1195 12.83 13.73 -42.14
N GLN A 1196 13.96 14.30 -41.74
CA GLN A 1196 15.16 14.38 -42.56
C GLN A 1196 16.36 13.78 -41.84
N ILE A 1197 16.14 13.30 -40.62
CA ILE A 1197 17.17 12.66 -39.83
C ILE A 1197 16.62 11.34 -39.32
N LEU A 1198 17.45 10.30 -39.34
CA LEU A 1198 17.01 8.95 -38.99
C LEU A 1198 18.11 8.25 -38.19
N ILE A 1199 17.72 7.62 -37.08
CA ILE A 1199 18.64 6.96 -36.17
C ILE A 1199 18.14 5.55 -35.89
N ILE A 1200 19.02 4.56 -36.02
CA ILE A 1200 18.73 3.18 -35.68
C ILE A 1200 19.86 2.66 -34.80
N ASP A 1201 19.51 1.97 -33.73
CA ASP A 1201 20.50 1.42 -32.82
C ASP A 1201 19.89 0.30 -32.01
N GLU A 1202 20.74 -0.62 -31.55
CA GLU A 1202 20.37 -1.77 -30.71
C GLU A 1202 19.03 -2.39 -31.15
N ALA A 1203 19.00 -2.78 -32.42
CA ALA A 1203 17.82 -3.38 -33.02
C ALA A 1203 17.88 -4.91 -33.09
N THR A 1204 18.99 -5.51 -32.65
CA THR A 1204 19.17 -6.95 -32.71
C THR A 1204 19.07 -7.60 -31.31
N ALA A 1205 18.10 -7.17 -30.51
CA ALA A 1205 17.94 -7.71 -29.16
C ALA A 1205 16.73 -8.64 -29.06
N ASN A 1206 15.56 -8.14 -29.47
CA ASN A 1206 14.30 -8.87 -29.39
C ASN A 1206 13.58 -8.85 -30.73
N VAL A 1207 14.32 -9.16 -31.80
CA VAL A 1207 13.78 -9.12 -33.15
C VAL A 1207 13.90 -10.49 -33.78
N ASP A 1208 12.98 -10.79 -34.72
CA ASP A 1208 12.98 -11.98 -35.56
C ASP A 1208 13.77 -11.72 -36.84
N PRO A 1209 14.59 -12.68 -37.26
CA PRO A 1209 15.47 -12.43 -38.42
C PRO A 1209 14.73 -12.03 -39.68
N ARG A 1210 13.59 -12.65 -39.97
CA ARG A 1210 12.83 -12.34 -41.18
C ARG A 1210 12.45 -10.86 -41.22
N THR A 1211 11.67 -10.41 -40.23
CA THR A 1211 11.27 -9.01 -40.18
C THR A 1211 12.47 -8.10 -39.96
N ASP A 1212 13.54 -8.60 -39.34
CA ASP A 1212 14.76 -7.80 -39.18
C ASP A 1212 15.33 -7.40 -40.53
N GLU A 1213 15.66 -8.40 -41.37
CA GLU A 1213 16.16 -8.10 -42.70
C GLU A 1213 15.12 -7.36 -43.54
N LEU A 1214 13.83 -7.63 -43.34
CA LEU A 1214 12.79 -6.93 -44.08
C LEU A 1214 12.85 -5.43 -43.81
N ILE A 1215 12.78 -5.04 -42.53
CA ILE A 1215 12.81 -3.62 -42.20
C ILE A 1215 14.16 -3.02 -42.52
N GLN A 1216 15.24 -3.80 -42.45
CA GLN A 1216 16.55 -3.28 -42.83
C GLN A 1216 16.57 -2.89 -44.30
N LYS A 1217 16.14 -3.80 -45.18
CA LYS A 1217 16.09 -3.49 -46.60
C LYS A 1217 15.13 -2.34 -46.90
N LYS A 1218 13.98 -2.29 -46.20
CA LYS A 1218 13.02 -1.23 -46.44
C LYS A 1218 13.59 0.13 -46.05
N ILE A 1219 14.22 0.21 -44.88
CA ILE A 1219 14.77 1.48 -44.42
C ILE A 1219 16.02 1.85 -45.21
N ARG A 1220 16.64 0.86 -45.87
CA ARG A 1220 17.78 1.17 -46.73
C ARG A 1220 17.32 1.74 -48.07
N GLU A 1221 16.30 1.15 -48.67
CA GLU A 1221 15.85 1.61 -49.98
C GLU A 1221 15.03 2.89 -49.87
N LYS A 1222 14.33 3.09 -48.75
CA LYS A 1222 13.46 4.24 -48.61
C LYS A 1222 14.24 5.48 -48.19
N PHE A 1223 14.90 5.42 -47.03
CA PHE A 1223 15.65 6.56 -46.50
C PHE A 1223 17.03 6.62 -47.18
N ALA A 1224 17.02 7.11 -48.42
CA ALA A 1224 18.24 7.24 -49.19
C ALA A 1224 18.27 8.57 -49.95
N HIS A 1225 17.64 9.61 -49.40
CA HIS A 1225 17.58 10.91 -50.05
C HIS A 1225 18.00 12.06 -49.15
N CYS A 1226 18.32 11.79 -47.88
CA CYS A 1226 18.73 12.84 -46.97
C CYS A 1226 19.73 12.26 -45.97
N THR A 1227 20.01 13.01 -44.91
CA THR A 1227 20.99 12.58 -43.92
C THR A 1227 20.40 11.49 -43.02
N VAL A 1228 21.17 10.41 -42.87
CA VAL A 1228 20.79 9.29 -42.00
C VAL A 1228 21.89 9.07 -41.00
N LEU A 1229 21.61 9.36 -39.73
CA LEU A 1229 22.57 9.21 -38.63
C LEU A 1229 22.36 7.83 -38.02
N THR A 1230 22.93 6.80 -38.65
CA THR A 1230 22.78 5.43 -38.18
C THR A 1230 23.81 5.15 -37.09
N ILE A 1231 23.34 4.79 -35.90
CA ILE A 1231 24.23 4.40 -34.81
C ILE A 1231 24.63 2.95 -34.99
N ALA A 1232 25.93 2.69 -35.01
CA ALA A 1232 26.45 1.35 -35.29
C ALA A 1232 26.63 0.61 -33.97
N HIS A 1233 25.70 -0.30 -33.68
CA HIS A 1233 25.84 -1.23 -32.57
C HIS A 1233 26.49 -2.54 -32.99
N ARG A 1234 26.10 -3.08 -34.14
CA ARG A 1234 26.75 -4.24 -34.73
C ARG A 1234 27.85 -3.77 -35.68
N LEU A 1235 28.41 -4.69 -36.46
CA LEU A 1235 29.45 -4.35 -37.43
C LEU A 1235 29.08 -4.65 -38.87
N ASN A 1236 27.87 -5.15 -39.14
CA ASN A 1236 27.44 -5.43 -40.51
C ASN A 1236 26.49 -4.38 -41.06
N THR A 1237 25.70 -3.72 -40.22
CA THR A 1237 24.80 -2.67 -40.67
C THR A 1237 25.50 -1.34 -40.88
N ILE A 1238 26.71 -1.17 -40.36
CA ILE A 1238 27.47 0.06 -40.55
C ILE A 1238 28.13 0.14 -41.90
N ILE A 1239 28.33 -1.01 -42.56
CA ILE A 1239 29.00 -1.05 -43.86
C ILE A 1239 28.28 -0.21 -44.90
N ASP A 1240 26.95 -0.06 -44.79
CA ASP A 1240 26.20 0.75 -45.73
C ASP A 1240 26.34 2.25 -45.49
N SER A 1241 27.16 2.67 -44.53
CA SER A 1241 27.40 4.07 -44.24
C SER A 1241 28.59 4.57 -45.06
N ASP A 1242 28.98 5.82 -44.81
CA ASP A 1242 30.05 6.47 -45.54
C ASP A 1242 31.20 6.90 -44.65
N LYS A 1243 30.93 7.42 -43.45
CA LYS A 1243 31.96 7.87 -42.54
C LYS A 1243 31.74 7.31 -41.15
N ILE A 1244 32.83 6.95 -40.48
CA ILE A 1244 32.80 6.36 -39.15
C ILE A 1244 33.95 6.95 -38.34
N MET A 1245 33.63 7.44 -37.13
CA MET A 1245 34.66 7.82 -36.17
C MET A 1245 34.64 6.81 -35.03
N VAL A 1246 35.81 6.31 -34.66
CA VAL A 1246 35.92 5.26 -33.64
C VAL A 1246 36.07 5.96 -32.29
N LEU A 1247 35.11 5.72 -31.40
CA LEU A 1247 35.09 6.33 -30.08
C LEU A 1247 35.76 5.39 -29.08
N ASP A 1248 36.70 5.92 -28.30
CA ASP A 1248 37.38 5.16 -27.25
C ASP A 1248 37.63 6.08 -26.07
N SER A 1249 37.08 5.72 -24.91
CA SER A 1249 37.27 6.48 -23.67
C SER A 1249 36.81 7.93 -23.85
N GLY A 1250 35.75 8.12 -24.62
CA GLY A 1250 35.23 9.45 -24.87
C GLY A 1250 36.10 10.30 -25.77
N ARG A 1251 36.64 9.72 -26.84
CA ARG A 1251 37.50 10.45 -27.76
C ARG A 1251 37.51 9.73 -29.09
N LEU A 1252 37.54 10.51 -30.17
CA LEU A 1252 37.55 9.98 -31.53
C LEU A 1252 38.97 10.04 -32.10
N LYS A 1253 39.24 9.11 -33.02
CA LYS A 1253 40.53 9.06 -33.70
C LYS A 1253 40.47 9.83 -35.02
N GLU A 1254 39.60 9.42 -35.94
CA GLU A 1254 39.41 10.12 -37.20
C GLU A 1254 38.01 9.83 -37.74
N TYR A 1255 37.42 10.81 -38.41
CA TYR A 1255 36.09 10.68 -39.01
C TYR A 1255 36.22 10.81 -40.51
N ASP A 1256 36.49 9.69 -41.18
CA ASP A 1256 36.67 9.66 -42.62
C ASP A 1256 35.96 8.41 -43.15
N GLU A 1257 36.15 8.13 -44.43
CA GLU A 1257 35.60 6.93 -45.07
C GLU A 1257 36.21 5.70 -44.41
N PRO A 1258 35.57 4.52 -44.53
CA PRO A 1258 36.15 3.31 -43.92
C PRO A 1258 37.50 2.91 -44.51
N TYR A 1259 38.00 3.62 -45.51
CA TYR A 1259 39.29 3.30 -46.10
C TYR A 1259 40.42 3.44 -45.08
N VAL A 1260 40.35 4.46 -44.22
CA VAL A 1260 41.43 4.71 -43.27
C VAL A 1260 41.41 3.66 -42.16
N LEU A 1261 40.26 3.03 -41.93
CA LEU A 1261 40.18 2.02 -40.88
C LEU A 1261 40.35 0.60 -41.44
N LEU A 1262 40.22 0.41 -42.75
CA LEU A 1262 40.50 -0.87 -43.36
C LEU A 1262 41.91 -0.96 -43.92
N GLN A 1263 42.60 0.17 -44.11
CA GLN A 1263 43.98 0.14 -44.60
C GLN A 1263 44.96 0.02 -43.44
N ASN A 1264 44.80 0.85 -42.41
CA ASN A 1264 45.66 0.76 -41.24
C ASN A 1264 45.29 -0.46 -40.40
N LYS A 1265 46.31 -1.23 -40.03
CA LYS A 1265 46.09 -2.51 -39.37
C LYS A 1265 46.10 -2.40 -37.85
N GLU A 1266 46.79 -1.40 -37.29
CA GLU A 1266 46.85 -1.26 -35.84
C GLU A 1266 45.58 -0.66 -35.24
N SER A 1267 44.57 -0.36 -36.06
CA SER A 1267 43.33 0.19 -35.55
C SER A 1267 42.54 -0.87 -34.77
N LEU A 1268 41.65 -0.39 -33.91
CA LEU A 1268 40.84 -1.28 -33.09
C LEU A 1268 39.74 -1.95 -33.91
N PHE A 1269 39.32 -1.31 -35.01
CA PHE A 1269 38.36 -1.94 -35.91
C PHE A 1269 38.83 -3.33 -36.33
N TYR A 1270 40.13 -3.47 -36.61
CA TYR A 1270 40.67 -4.76 -37.02
C TYR A 1270 40.48 -5.80 -35.93
N LYS A 1271 40.77 -5.43 -34.67
CA LYS A 1271 40.63 -6.39 -33.58
C LYS A 1271 39.18 -6.76 -33.33
N MET A 1272 38.26 -5.79 -33.45
CA MET A 1272 36.84 -6.16 -33.39
C MET A 1272 36.47 -7.10 -34.52
N VAL A 1273 37.00 -6.87 -35.72
CA VAL A 1273 36.74 -7.78 -36.85
C VAL A 1273 37.20 -9.20 -36.53
N GLN A 1274 38.36 -9.34 -35.88
CA GLN A 1274 38.79 -10.69 -35.51
C GLN A 1274 37.92 -11.28 -34.40
N GLN A 1275 37.64 -10.50 -33.36
CA GLN A 1275 36.91 -11.05 -32.22
C GLN A 1275 35.45 -11.33 -32.57
N LEU A 1276 34.96 -10.81 -33.70
CA LEU A 1276 33.59 -11.12 -34.09
C LEU A 1276 33.49 -12.36 -34.98
N GLY A 1277 34.57 -13.10 -35.19
CA GLY A 1277 34.51 -14.31 -35.97
C GLY A 1277 35.21 -14.22 -37.31
N LYS A 1278 35.83 -15.32 -37.75
CA LYS A 1278 36.55 -15.30 -39.02
C LYS A 1278 35.59 -15.25 -40.21
N ALA A 1279 34.52 -16.05 -40.16
CA ALA A 1279 33.53 -16.01 -41.24
C ALA A 1279 32.84 -14.65 -41.29
N GLU A 1280 32.47 -14.12 -40.14
CA GLU A 1280 31.90 -12.77 -40.09
C GLU A 1280 32.91 -11.74 -40.57
N ALA A 1281 34.20 -11.95 -40.27
CA ALA A 1281 35.25 -11.06 -40.75
C ALA A 1281 35.28 -11.04 -42.28
N ALA A 1282 35.31 -12.23 -42.89
CA ALA A 1282 35.31 -12.32 -44.35
C ALA A 1282 34.06 -11.68 -44.94
N ALA A 1283 32.91 -11.93 -44.33
CA ALA A 1283 31.66 -11.35 -44.83
C ALA A 1283 31.71 -9.83 -44.79
N LEU A 1284 32.18 -9.27 -43.67
CA LEU A 1284 32.16 -7.81 -43.53
C LEU A 1284 33.18 -7.15 -44.44
N THR A 1285 34.37 -7.75 -44.60
CA THR A 1285 35.34 -7.14 -45.51
C THR A 1285 34.89 -7.28 -46.96
N GLU A 1286 34.20 -8.38 -47.29
CA GLU A 1286 33.64 -8.53 -48.63
C GLU A 1286 32.58 -7.46 -48.90
N THR A 1287 31.67 -7.25 -47.95
CA THR A 1287 30.65 -6.21 -48.12
C THR A 1287 31.28 -4.83 -48.18
N ALA A 1288 32.35 -4.59 -47.41
CA ALA A 1288 33.03 -3.30 -47.45
C ALA A 1288 33.66 -3.04 -48.81
N LYS A 1289 34.37 -4.03 -49.35
CA LYS A 1289 34.94 -3.87 -50.68
C LYS A 1289 33.85 -3.68 -51.72
N GLN A 1290 32.73 -4.38 -51.57
CA GLN A 1290 31.63 -4.22 -52.51
C GLN A 1290 31.07 -2.79 -52.49
N VAL A 1291 30.77 -2.27 -51.29
CA VAL A 1291 30.17 -0.95 -51.23
C VAL A 1291 31.18 0.11 -51.66
N TYR A 1292 32.46 -0.10 -51.38
CA TYR A 1292 33.48 0.83 -51.86
C TYR A 1292 33.55 0.83 -53.38
N PHE A 1293 33.47 -0.35 -53.99
CA PHE A 1293 33.54 -0.44 -55.44
C PHE A 1293 32.30 0.14 -56.12
N LYS A 1294 31.13 -0.01 -55.50
CA LYS A 1294 29.93 0.63 -56.06
C LYS A 1294 29.88 2.12 -55.77
N ARG A 1295 30.67 2.61 -54.80
CA ARG A 1295 30.67 4.03 -54.46
C ARG A 1295 31.69 4.84 -55.24
N ASN A 1296 32.88 4.30 -55.49
CA ASN A 1296 33.89 5.09 -56.19
C ASN A 1296 33.67 5.07 -57.70
N TYR A 1297 33.47 3.90 -58.29
CA TYR A 1297 33.28 3.73 -59.73
C TYR A 1297 31.98 2.99 -59.97
N PRO A 1298 30.86 3.71 -60.16
CA PRO A 1298 29.56 3.10 -60.41
C PRO A 1298 29.45 2.50 -61.81
C20 XPG B . -19.93 10.61 24.87
C19 XPG B . -19.20 9.63 23.97
C18 XPG B . -17.95 9.08 24.58
C17 XPG B . -16.98 8.48 23.62
C16 XPG B . -16.41 9.44 22.58
C15 XPG B . -17.33 9.64 21.39
O15 XPG B . -16.61 9.24 20.23
C14 XPG B . -17.79 11.05 21.20
C13 XPG B . -17.36 11.83 20.26
C12 XPG B . -17.88 11.89 18.87
C11 XPG B . -17.62 13.27 18.26
O11 XPG B . -18.19 14.34 19.01
C10 XPG B . -18.22 13.03 16.88
C9 XPG B . -17.73 11.64 16.54
O9 XPG B . -17.71 11.10 15.46
C8 XPG B . -17.20 11.03 17.81
C7 XPG B . -17.42 9.53 17.69
C6 XPG B . -16.60 8.85 16.61
C5 XPG B . -16.30 7.40 16.86
C4 XPG B . -15.94 7.07 18.30
C3 XPG B . -15.68 5.61 18.59
C2 XPG B . -14.36 5.14 18.06
C1 XPG B . -14.36 4.74 16.59
O1A XPG B . -13.41 4.06 16.16
O1B XPG B . -15.32 5.08 15.89
H1 XPG B . -20.65 10.15 25.32
H2 XPG B . -20.29 11.33 24.32
H3 XPG B . -19.31 10.96 25.52
H4 XPG B . -18.97 10.09 23.14
H5 XPG B . -19.81 8.89 23.75
H6 XPG B . -18.21 8.38 25.23
H7 XPG B . -17.50 9.78 25.08
H8 XPG B . -17.43 7.74 23.13
H9 XPG B . -16.23 8.09 24.12
H10 XPG B . -15.55 9.08 22.26
H11 XPG B . -16.23 10.30 23.00
H12 XPG B . -18.12 9.05 21.50
H13 XPG B . -17.01 8.58 19.89
H14 XPG B . -18.45 11.39 21.79
H15 XPG B . -16.65 12.41 20.47
H16 XPG B . -18.86 11.72 18.86
H17 XPG B . -16.65 13.41 18.17
H18 XPG B . -19.03 14.32 18.94
H19 XPG B . -17.90 13.68 16.22
H20 XPG B . -19.20 13.05 16.89
H21 XPG B . -16.23 11.19 17.84
H22 XPG B . -18.38 9.37 17.50
H23 XPG B . -17.22 9.12 18.56
H24 XPG B . -15.76 9.33 16.51
H25 XPG B . -17.09 8.92 15.76
H26 XPG B . -15.56 7.13 16.29
H27 XPG B . -17.08 6.86 16.62
H28 XPG B . -16.67 7.38 18.88
H29 XPG B . -15.14 7.59 18.54
H30 XPG B . -16.40 5.07 18.19
H31 XPG B . -15.70 5.47 19.55
H32 XPG B . -14.07 4.37 18.59
H33 XPG B . -13.70 5.85 18.19
#